data_5C7J
#
_entry.id   5C7J
#
_cell.length_a   139.867
_cell.length_b   139.867
_cell.length_c   59.386
_cell.angle_alpha   90.00
_cell.angle_beta   90.00
_cell.angle_gamma   120.00
#
_symmetry.space_group_name_H-M   'P 32'
#
loop_
_entity.id
_entity.type
_entity.pdbx_description
1 polymer 'E3 ubiquitin-protein ligase NEDD4'
2 polymer Polyubiquitin-C
3 water water
#
loop_
_entity_poly.entity_id
_entity_poly.type
_entity_poly.pdbx_seq_one_letter_code
_entity_poly.pdbx_strand_id
1 'polypeptide(L)'
;GRDYKRKYEFFRRKLKKQNDIPNKFEMKLRRATVLEDSYRRIMGVKRADFLKARLWIEFDGEKGLDYGGVAREWFFLISK
EMFNPYYGLFEYSATDNYTLQINPNSGLCNEDHLSYFKFIGRVAGMAVYHGKLLDGFFIRPFYKMMLHKPITLHDMESVD
SEYYNSLRWILENDPTELDLRFIIDEELFGQTHQHELKNGGSEIVVTNKNKKEYIYLVIQWRFVNRIQKQMAAFKEGFFE
LIPQDLIKIFDENELELLMCGLGDVDVNDWREHTKYKNGYSANHQVIQWFWKAVLMMDSEKRIRLLQFVTGTSRVPMNGF
AELYGSNGPQSFTVEQWGTPEKLPRAHTCFNRLDLPPYESFEELWDKLQMAIENTQGFDGVD
;
A,B
2 'polypeptide(L)'
;AHHHHHHVTSLYKKAGSTMQIFVKTLAGWGITLEVEPSDTIENVKAKIQDKEGIPPDQQRLIFAGKQLEDGRTLSDYNIR
YDSQLHLVGRLR
;
C,D
#
# COMPACT_ATOMS: atom_id res chain seq x y z
N ARG A 2 2.25 39.89 -0.65
CA ARG A 2 1.10 40.71 -0.18
C ARG A 2 0.35 41.32 -1.38
N ASP A 3 1.06 42.05 -2.23
CA ASP A 3 0.54 42.57 -3.51
C ASP A 3 0.53 41.47 -4.59
N TYR A 4 1.29 40.40 -4.35
CA TYR A 4 1.25 39.18 -5.17
C TYR A 4 -0.17 38.66 -5.40
N LYS A 5 -1.03 38.73 -4.38
CA LYS A 5 -2.43 38.31 -4.50
C LYS A 5 -3.17 39.12 -5.56
N ARG A 6 -3.00 40.45 -5.50
CA ARG A 6 -3.56 41.36 -6.52
C ARG A 6 -2.87 41.17 -7.88
N LYS A 7 -1.56 40.91 -7.85
CA LYS A 7 -0.78 40.63 -9.06
C LYS A 7 -1.22 39.33 -9.75
N TYR A 8 -1.22 38.23 -9.00
CA TYR A 8 -1.63 36.92 -9.50
C TYR A 8 -3.07 36.93 -10.00
N GLU A 9 -3.94 37.66 -9.31
CA GLU A 9 -5.32 37.85 -9.78
C GLU A 9 -5.32 38.49 -11.15
N PHE A 10 -4.63 39.63 -11.28
CA PHE A 10 -4.56 40.40 -12.53
C PHE A 10 -3.93 39.57 -13.65
N PHE A 11 -2.85 38.87 -13.31
CA PHE A 11 -2.16 37.95 -14.21
C PHE A 11 -3.13 36.95 -14.86
N ARG A 12 -3.84 36.21 -14.01
CA ARG A 12 -4.79 35.20 -14.48
C ARG A 12 -5.93 35.83 -15.27
N ARG A 13 -6.43 36.97 -14.78
CA ARG A 13 -7.45 37.75 -15.50
C ARG A 13 -6.96 38.19 -16.88
N LYS A 14 -5.67 38.53 -17.01
CA LYS A 14 -5.07 38.90 -18.30
C LYS A 14 -4.76 37.68 -19.19
N LEU A 15 -4.54 36.51 -18.59
CA LEU A 15 -4.35 35.27 -19.37
C LEU A 15 -5.59 34.85 -20.16
N LYS A 16 -5.57 35.12 -21.47
CA LYS A 16 -6.73 34.93 -22.34
C LYS A 16 -7.00 33.44 -22.57
N LYS A 17 -8.27 33.06 -22.57
CA LYS A 17 -8.67 31.70 -22.91
C LYS A 17 -8.68 31.52 -24.44
N GLN A 18 -8.37 30.31 -24.90
CA GLN A 18 -8.41 29.99 -26.34
C GLN A 18 -9.80 29.58 -26.80
N ASN A 19 -10.21 30.10 -27.95
CA ASN A 19 -11.55 29.89 -28.50
C ASN A 19 -11.54 29.18 -29.85
N ASP A 20 -10.39 28.62 -30.22
CA ASP A 20 -10.18 28.03 -31.55
C ASP A 20 -9.53 26.65 -31.45
N ILE A 21 -9.67 26.02 -30.28
CA ILE A 21 -8.80 24.92 -29.87
C ILE A 21 -9.67 23.83 -29.18
N PRO A 22 -9.30 22.54 -29.32
CA PRO A 22 -10.16 21.47 -28.74
C PRO A 22 -10.31 21.50 -27.22
N ASN A 23 -11.35 20.82 -26.73
CA ASN A 23 -11.73 20.88 -25.31
C ASN A 23 -10.72 20.30 -24.32
N LYS A 24 -9.89 19.39 -24.83
CA LYS A 24 -8.89 18.70 -24.02
C LYS A 24 -7.60 18.48 -24.81
N PHE A 25 -6.46 18.59 -24.14
CA PHE A 25 -5.19 18.15 -24.71
C PHE A 25 -4.95 16.72 -24.24
N GLU A 26 -5.01 15.78 -25.17
CA GLU A 26 -4.85 14.38 -24.87
C GLU A 26 -3.38 14.01 -24.77
N MET A 27 -3.04 13.22 -23.75
CA MET A 27 -1.69 12.65 -23.61
C MET A 27 -1.82 11.18 -23.19
N LYS A 28 -1.25 10.29 -24.01
CA LYS A 28 -1.28 8.83 -23.74
C LYS A 28 0.15 8.34 -23.49
N LEU A 29 0.53 8.28 -22.21
CA LEU A 29 1.92 8.06 -21.78
C LEU A 29 2.12 6.78 -20.97
N ARG A 30 3.34 6.30 -20.95
CA ARG A 30 3.78 5.21 -20.07
C ARG A 30 4.70 5.78 -19.01
N ARG A 31 4.47 5.42 -17.74
CA ARG A 31 5.29 5.93 -16.63
C ARG A 31 6.76 5.60 -16.80
N ALA A 32 7.03 4.39 -17.27
CA ALA A 32 8.39 3.95 -17.59
C ALA A 32 9.13 4.88 -18.56
N THR A 33 8.40 5.54 -19.47
CA THR A 33 9.00 6.38 -20.51
C THR A 33 8.34 7.76 -20.64
N VAL A 34 8.01 8.38 -19.52
CA VAL A 34 7.36 9.70 -19.51
C VAL A 34 8.07 10.77 -20.33
N LEU A 35 9.40 10.83 -20.22
CA LEU A 35 10.18 11.86 -20.91
C LEU A 35 10.04 11.69 -22.42
N GLU A 36 10.37 10.51 -22.92
CA GLU A 36 10.22 10.18 -24.33
C GLU A 36 8.79 10.46 -24.79
N ASP A 37 7.82 9.86 -24.08
CA ASP A 37 6.42 9.94 -24.47
C ASP A 37 5.88 11.37 -24.42
N SER A 38 6.19 12.09 -23.35
CA SER A 38 5.80 13.50 -23.22
C SER A 38 6.49 14.39 -24.27
N TYR A 39 7.78 14.13 -24.51
CA TYR A 39 8.57 14.90 -25.46
C TYR A 39 8.03 14.77 -26.89
N ARG A 40 7.82 13.54 -27.35
CA ARG A 40 7.32 13.31 -28.71
C ARG A 40 6.00 14.05 -28.92
N ARG A 41 5.02 13.73 -28.08
CA ARG A 41 3.68 14.33 -28.17
C ARG A 41 3.73 15.85 -28.23
N ILE A 42 4.43 16.45 -27.27
CA ILE A 42 4.41 17.90 -27.09
C ILE A 42 5.21 18.63 -28.17
N MET A 43 6.38 18.10 -28.52
CA MET A 43 7.19 18.69 -29.60
C MET A 43 6.64 18.42 -30.99
N GLY A 44 5.69 17.49 -31.09
CA GLY A 44 4.88 17.37 -32.29
C GLY A 44 3.97 18.54 -32.58
N VAL A 45 3.56 19.31 -31.57
CA VAL A 45 2.49 20.29 -31.79
C VAL A 45 3.05 21.63 -32.28
N LYS A 46 2.81 21.92 -33.55
CA LYS A 46 3.28 23.17 -34.16
C LYS A 46 2.59 24.42 -33.58
N ARG A 47 1.30 24.35 -33.24
CA ARG A 47 0.64 25.46 -32.55
C ARG A 47 0.69 25.24 -31.05
N ALA A 48 1.29 26.19 -30.36
CA ALA A 48 1.37 26.16 -28.90
C ALA A 48 0.01 26.13 -28.25
N ASP A 49 -0.94 26.87 -28.82
CA ASP A 49 -2.30 27.04 -28.24
C ASP A 49 -2.99 25.72 -27.89
N PHE A 50 -2.79 24.70 -28.71
CA PHE A 50 -3.30 23.34 -28.41
C PHE A 50 -3.00 22.86 -26.99
N LEU A 51 -1.89 23.32 -26.44
CA LEU A 51 -1.43 22.92 -25.10
C LEU A 51 -2.21 23.60 -23.96
N LYS A 52 -3.03 24.60 -24.27
CA LYS A 52 -3.86 25.28 -23.28
C LYS A 52 -5.16 24.54 -22.96
N ALA A 53 -5.53 23.53 -23.74
CA ALA A 53 -6.73 22.73 -23.43
C ALA A 53 -6.58 21.96 -22.12
N ARG A 54 -7.70 21.71 -21.43
CA ARG A 54 -7.71 20.94 -20.18
C ARG A 54 -6.92 19.64 -20.37
N LEU A 55 -5.89 19.45 -19.56
CA LEU A 55 -4.94 18.35 -19.78
C LEU A 55 -5.58 17.00 -19.43
N TRP A 56 -5.74 16.17 -20.47
CA TRP A 56 -6.31 14.84 -20.37
C TRP A 56 -5.20 13.80 -20.51
N ILE A 57 -4.66 13.38 -19.37
CA ILE A 57 -3.48 12.50 -19.31
C ILE A 57 -3.89 11.13 -18.76
N GLU A 58 -3.40 10.06 -19.38
CA GLU A 58 -3.74 8.68 -19.00
C GLU A 58 -2.51 7.77 -19.08
N PHE A 59 -2.07 7.27 -17.91
CA PHE A 59 -0.89 6.40 -17.85
C PHE A 59 -1.23 4.93 -17.98
N ASP A 60 -0.46 4.22 -18.82
CA ASP A 60 -0.48 2.77 -18.88
C ASP A 60 -1.90 2.18 -18.91
N GLY A 61 -2.76 2.82 -19.71
CA GLY A 61 -4.15 2.37 -19.89
C GLY A 61 -5.16 2.74 -18.81
N GLU A 62 -4.71 3.34 -17.71
CA GLU A 62 -5.58 3.66 -16.57
C GLU A 62 -6.70 4.61 -17.02
N LYS A 63 -7.95 4.14 -16.90
CA LYS A 63 -9.10 4.90 -17.41
C LYS A 63 -9.91 5.56 -16.28
N GLY A 64 -10.44 6.75 -16.57
CA GLY A 64 -11.44 7.41 -15.73
C GLY A 64 -10.99 7.92 -14.37
N LEU A 65 -9.72 8.30 -14.25
CA LEU A 65 -9.20 8.90 -13.00
C LEU A 65 -9.46 10.40 -12.99
N ASP A 66 -9.28 11.04 -11.83
CA ASP A 66 -9.51 12.48 -11.66
C ASP A 66 -8.52 13.32 -12.49
N TYR A 67 -9.04 14.02 -13.49
CA TYR A 67 -8.21 14.73 -14.49
C TYR A 67 -7.16 15.69 -13.89
N GLY A 68 -7.58 16.57 -12.99
CA GLY A 68 -6.66 17.53 -12.34
C GLY A 68 -5.67 16.91 -11.35
N GLY A 69 -6.00 15.72 -10.84
CA GLY A 69 -5.10 14.95 -10.00
C GLY A 69 -4.04 14.22 -10.79
N VAL A 70 -4.41 13.73 -11.98
CA VAL A 70 -3.46 13.03 -12.86
C VAL A 70 -2.46 14.01 -13.47
N ALA A 71 -2.92 15.21 -13.78
CA ALA A 71 -2.05 16.30 -14.20
C ALA A 71 -0.95 16.54 -13.15
N ARG A 72 -1.39 16.71 -11.90
CA ARG A 72 -0.52 16.88 -10.74
C ARG A 72 0.66 15.89 -10.76
N GLU A 73 0.33 14.61 -10.96
CA GLU A 73 1.33 13.55 -11.04
C GLU A 73 2.27 13.77 -12.23
N TRP A 74 1.70 14.08 -13.40
CA TRP A 74 2.49 14.25 -14.62
C TRP A 74 3.53 15.34 -14.45
N PHE A 75 3.08 16.53 -14.05
CA PHE A 75 3.99 17.65 -13.81
C PHE A 75 5.14 17.29 -12.87
N PHE A 76 4.84 16.50 -11.84
CA PHE A 76 5.86 16.00 -10.92
C PHE A 76 6.83 15.04 -11.61
N LEU A 77 6.30 14.00 -12.24
CA LEU A 77 7.12 12.93 -12.83
C LEU A 77 7.97 13.42 -13.98
N ILE A 78 7.39 14.29 -14.81
CA ILE A 78 8.12 14.87 -15.92
C ILE A 78 9.21 15.82 -15.40
N SER A 79 8.87 16.66 -14.42
CA SER A 79 9.86 17.53 -13.76
C SER A 79 11.00 16.71 -13.21
N LYS A 80 10.66 15.59 -12.56
CA LYS A 80 11.67 14.67 -12.04
C LYS A 80 12.62 14.22 -13.16
N GLU A 81 12.09 13.95 -14.35
CA GLU A 81 12.90 13.48 -15.50
C GLU A 81 13.60 14.59 -16.31
N MET A 82 12.88 15.65 -16.67
CA MET A 82 13.44 16.84 -17.38
C MET A 82 14.71 17.34 -16.72
N PHE A 83 14.63 17.52 -15.40
CA PHE A 83 15.67 18.15 -14.62
C PHE A 83 16.72 17.19 -14.06
N ASN A 84 16.55 15.89 -14.25
CA ASN A 84 17.53 14.91 -13.77
C ASN A 84 18.91 15.16 -14.40
N PRO A 85 19.91 15.56 -13.57
CA PRO A 85 21.24 15.85 -14.10
C PRO A 85 21.93 14.71 -14.83
N TYR A 86 21.47 13.48 -14.57
CA TYR A 86 21.82 12.31 -15.37
C TYR A 86 21.88 12.59 -16.88
N TYR A 87 20.92 13.39 -17.38
CA TYR A 87 20.81 13.69 -18.83
C TYR A 87 21.72 14.81 -19.36
N GLY A 88 22.16 15.68 -18.47
CA GLY A 88 23.08 16.75 -18.84
C GLY A 88 22.45 17.98 -19.47
N LEU A 89 21.12 18.09 -19.44
CA LEU A 89 20.46 19.37 -19.77
C LEU A 89 20.68 20.28 -18.58
N PHE A 90 20.28 19.81 -17.42
CA PHE A 90 20.54 20.50 -16.16
C PHE A 90 21.62 19.77 -15.37
N GLU A 91 22.08 20.44 -14.32
CA GLU A 91 23.09 19.91 -13.45
C GLU A 91 23.04 20.66 -12.14
N TYR A 92 23.62 20.06 -11.10
CA TYR A 92 23.69 20.70 -9.80
C TYR A 92 24.69 21.84 -9.86
N SER A 93 24.37 22.95 -9.19
CA SER A 93 25.24 24.14 -9.19
C SER A 93 26.68 23.82 -8.76
N ALA A 94 26.82 22.85 -7.86
CA ALA A 94 28.10 22.26 -7.49
C ALA A 94 27.85 20.91 -6.81
N THR A 95 28.92 20.25 -6.37
CA THR A 95 28.79 19.12 -5.46
C THR A 95 28.42 19.67 -4.07
N ASP A 96 27.64 18.90 -3.31
CA ASP A 96 27.02 19.35 -2.05
C ASP A 96 26.05 20.53 -2.25
N ASN A 97 25.42 20.57 -3.42
CA ASN A 97 24.36 21.53 -3.75
C ASN A 97 23.19 20.79 -4.38
N TYR A 98 21.98 21.14 -3.94
CA TYR A 98 20.75 20.54 -4.49
C TYR A 98 20.05 21.44 -5.52
N THR A 99 20.42 22.72 -5.60
CA THR A 99 19.90 23.63 -6.61
C THR A 99 20.44 23.28 -8.01
N LEU A 100 19.77 23.81 -9.03
CA LEU A 100 20.03 23.44 -10.44
C LEU A 100 20.27 24.66 -11.35
N GLN A 101 20.91 24.36 -12.48
CA GLN A 101 21.31 25.37 -13.46
C GLN A 101 21.45 24.71 -14.83
N ILE A 102 21.27 25.49 -15.90
CA ILE A 102 21.44 24.94 -17.26
C ILE A 102 22.89 24.45 -17.40
N ASN A 103 23.09 23.21 -17.83
CA ASN A 103 24.45 22.70 -18.05
C ASN A 103 25.03 23.29 -19.35
N PRO A 104 26.14 24.07 -19.25
CA PRO A 104 26.80 24.62 -20.45
C PRO A 104 27.19 23.59 -21.50
N ASN A 105 27.60 22.40 -21.06
CA ASN A 105 28.03 21.35 -21.99
C ASN A 105 26.91 20.39 -22.43
N SER A 106 25.66 20.75 -22.13
CA SER A 106 24.49 19.97 -22.56
C SER A 106 24.51 19.49 -24.01
N GLY A 107 25.05 20.30 -24.91
CA GLY A 107 25.19 19.92 -26.33
C GLY A 107 26.18 18.81 -26.60
N LEU A 108 27.23 18.74 -25.77
CA LEU A 108 28.17 17.61 -25.82
C LEU A 108 27.45 16.34 -25.39
N CYS A 109 26.67 16.44 -24.31
CA CYS A 109 25.86 15.32 -23.82
C CYS A 109 24.87 14.85 -24.86
N ASN A 110 24.05 15.78 -25.36
CA ASN A 110 23.02 15.45 -26.34
C ASN A 110 22.89 16.51 -27.41
N GLU A 111 22.99 16.06 -28.66
CA GLU A 111 23.12 16.94 -29.81
C GLU A 111 21.80 17.71 -30.07
N ASP A 112 20.67 17.11 -29.67
CA ASP A 112 19.36 17.76 -29.74
C ASP A 112 18.95 18.41 -28.41
N HIS A 113 19.91 18.79 -27.58
CA HIS A 113 19.64 19.47 -26.32
C HIS A 113 18.65 20.63 -26.44
N LEU A 114 18.78 21.44 -27.50
CA LEU A 114 18.00 22.67 -27.64
C LEU A 114 16.49 22.48 -27.79
N SER A 115 16.05 21.47 -28.54
CA SER A 115 14.61 21.23 -28.66
C SER A 115 14.04 20.68 -27.34
N TYR A 116 14.86 19.92 -26.61
CA TYR A 116 14.52 19.51 -25.24
C TYR A 116 14.42 20.70 -24.30
N PHE A 117 15.27 21.71 -24.49
CA PHE A 117 15.15 22.94 -23.71
C PHE A 117 13.87 23.70 -24.00
N LYS A 118 13.53 23.83 -25.28
CA LYS A 118 12.26 24.44 -25.67
C LYS A 118 11.11 23.66 -25.04
N PHE A 119 11.16 22.33 -25.18
CA PHE A 119 10.17 21.44 -24.57
C PHE A 119 9.95 21.73 -23.08
N ILE A 120 11.04 21.76 -22.32
CA ILE A 120 10.97 22.08 -20.89
C ILE A 120 10.29 23.44 -20.67
N GLY A 121 10.63 24.42 -21.51
CA GLY A 121 10.00 25.74 -21.47
C GLY A 121 8.50 25.67 -21.68
N ARG A 122 8.09 24.96 -22.73
CA ARG A 122 6.66 24.69 -22.97
C ARG A 122 5.98 24.01 -21.77
N VAL A 123 6.58 22.95 -21.25
CA VAL A 123 6.06 22.26 -20.05
C VAL A 123 5.97 23.19 -18.83
N ALA A 124 6.94 24.10 -18.70
CA ALA A 124 6.95 25.07 -17.62
C ALA A 124 5.86 26.11 -17.80
N GLY A 125 5.73 26.61 -19.03
CA GLY A 125 4.66 27.55 -19.37
C GLY A 125 3.29 26.91 -19.24
N MET A 126 3.22 25.61 -19.54
CA MET A 126 2.00 24.82 -19.35
C MET A 126 1.59 24.84 -17.90
N ALA A 127 2.52 24.44 -17.02
CA ALA A 127 2.31 24.46 -15.58
C ALA A 127 1.70 25.79 -15.15
N VAL A 128 2.33 26.88 -15.54
CA VAL A 128 1.80 28.20 -15.24
C VAL A 128 0.38 28.32 -15.78
N TYR A 129 0.22 28.11 -17.09
CA TYR A 129 -1.07 28.33 -17.76
C TYR A 129 -2.20 27.58 -17.06
N HIS A 130 -1.92 26.36 -16.61
CA HIS A 130 -2.89 25.55 -15.90
C HIS A 130 -2.74 25.64 -14.38
N GLY A 131 -2.34 26.81 -13.86
CA GLY A 131 -2.16 27.01 -12.42
C GLY A 131 -1.61 25.83 -11.64
N LYS A 132 -0.60 25.17 -12.20
CA LYS A 132 0.12 24.08 -11.55
C LYS A 132 1.60 24.48 -11.49
N LEU A 133 2.43 23.66 -10.86
CA LEU A 133 3.81 24.04 -10.58
C LEU A 133 4.77 22.95 -11.01
N LEU A 134 5.99 23.34 -11.32
CA LEU A 134 7.08 22.38 -11.59
C LEU A 134 7.81 22.14 -10.28
N ASP A 135 8.32 20.92 -10.12
CA ASP A 135 9.11 20.55 -8.94
C ASP A 135 10.59 20.79 -9.23
N GLY A 136 11.07 21.99 -8.88
CA GLY A 136 12.43 22.40 -9.20
C GLY A 136 13.04 23.47 -8.29
N PHE A 137 14.24 23.18 -7.80
CA PHE A 137 15.07 24.15 -7.09
C PHE A 137 16.11 24.69 -8.09
N PHE A 138 15.84 25.88 -8.64
CA PHE A 138 16.78 26.58 -9.53
C PHE A 138 17.42 27.78 -8.84
N ILE A 139 18.60 28.12 -9.32
CA ILE A 139 19.34 29.28 -8.83
C ILE A 139 18.68 30.59 -9.28
N ARG A 140 18.74 31.62 -8.44
CA ARG A 140 18.14 32.93 -8.76
C ARG A 140 18.58 33.49 -10.12
N PRO A 141 19.87 33.32 -10.51
CA PRO A 141 20.34 33.66 -11.87
C PRO A 141 19.43 33.22 -13.01
N PHE A 142 18.91 32.00 -12.92
CA PHE A 142 17.94 31.49 -13.87
C PHE A 142 16.76 32.45 -14.00
N TYR A 143 16.18 32.81 -12.86
CA TYR A 143 15.00 33.67 -12.84
C TYR A 143 15.34 35.11 -13.24
N LYS A 144 16.56 35.54 -12.92
CA LYS A 144 17.04 36.84 -13.40
C LYS A 144 17.11 36.83 -14.93
N MET A 145 17.80 35.85 -15.50
CA MET A 145 17.95 35.71 -16.95
C MET A 145 16.61 35.66 -17.71
N MET A 146 15.58 35.12 -17.08
CA MET A 146 14.24 35.14 -17.64
C MET A 146 13.65 36.53 -17.77
N LEU A 147 13.98 37.42 -16.82
CA LEU A 147 13.57 38.83 -16.90
C LEU A 147 14.60 39.74 -17.65
N HIS A 148 15.53 39.11 -18.38
N HIS A 148 15.53 39.12 -18.37
CA HIS A 148 16.70 39.77 -18.99
CA HIS A 148 16.67 39.80 -19.01
C HIS A 148 17.46 40.70 -18.05
C HIS A 148 17.45 40.69 -18.05
N LYS A 149 17.54 40.30 -16.79
CA LYS A 149 18.17 41.11 -15.73
C LYS A 149 19.63 40.70 -15.54
N PRO A 150 20.54 41.70 -15.41
CA PRO A 150 21.97 41.49 -15.18
C PRO A 150 22.33 40.49 -14.09
N ILE A 151 23.48 39.85 -14.27
CA ILE A 151 24.07 38.99 -13.26
C ILE A 151 25.25 39.74 -12.62
N THR A 152 25.48 39.47 -11.34
CA THR A 152 26.42 40.22 -10.51
C THR A 152 27.28 39.28 -9.69
N LEU A 153 28.34 39.81 -9.07
CA LEU A 153 29.20 39.03 -8.17
C LEU A 153 28.36 38.50 -7.01
N HIS A 154 27.52 39.37 -6.44
CA HIS A 154 26.55 38.99 -5.39
C HIS A 154 25.84 37.66 -5.66
N ASP A 155 25.31 37.53 -6.88
CA ASP A 155 24.55 36.35 -7.28
C ASP A 155 25.31 35.02 -7.07
N MET A 156 26.64 35.04 -7.15
CA MET A 156 27.45 33.82 -6.96
C MET A 156 27.47 33.31 -5.50
N GLU A 157 27.20 34.18 -4.53
CA GLU A 157 27.31 33.82 -3.11
C GLU A 157 26.40 32.66 -2.73
N SER A 158 25.10 32.83 -3.02
CA SER A 158 24.07 31.81 -2.75
C SER A 158 24.33 30.50 -3.48
N VAL A 159 24.98 30.60 -4.64
CA VAL A 159 25.29 29.45 -5.48
C VAL A 159 26.56 28.74 -4.96
N ASP A 160 27.65 29.50 -4.87
CA ASP A 160 28.95 29.01 -4.36
C ASP A 160 29.62 30.09 -3.50
N SER A 161 29.61 29.88 -2.19
CA SER A 161 30.11 30.88 -1.24
C SER A 161 31.64 30.98 -1.29
N GLU A 162 32.31 29.83 -1.25
CA GLU A 162 33.79 29.77 -1.25
C GLU A 162 34.42 30.37 -2.52
N TYR A 163 33.75 30.16 -3.66
CA TYR A 163 34.17 30.74 -4.94
C TYR A 163 33.85 32.24 -5.00
N TYR A 164 32.67 32.60 -4.49
CA TYR A 164 32.31 34.02 -4.32
C TYR A 164 33.34 34.76 -3.46
N ASN A 165 33.74 34.12 -2.36
CA ASN A 165 34.77 34.68 -1.46
C ASN A 165 36.11 34.88 -2.19
N SER A 166 36.46 33.93 -3.05
CA SER A 166 37.68 34.01 -3.87
C SER A 166 37.69 35.24 -4.76
N LEU A 167 36.54 35.58 -5.35
CA LEU A 167 36.42 36.78 -6.16
C LEU A 167 36.31 38.04 -5.31
N ARG A 168 35.55 37.98 -4.23
CA ARG A 168 35.49 39.09 -3.26
C ARG A 168 36.87 39.48 -2.75
N TRP A 169 37.70 38.48 -2.49
CA TRP A 169 39.07 38.69 -2.04
C TRP A 169 39.83 39.54 -3.04
N ILE A 170 39.77 39.13 -4.31
CA ILE A 170 40.41 39.85 -5.42
C ILE A 170 39.91 41.29 -5.54
N LEU A 171 38.61 41.51 -5.33
CA LEU A 171 38.03 42.86 -5.34
C LEU A 171 38.71 43.78 -4.29
N GLU A 172 39.03 43.22 -3.12
CA GLU A 172 39.52 43.99 -1.99
C GLU A 172 41.04 43.91 -1.75
N ASN A 173 41.76 43.10 -2.53
CA ASN A 173 43.20 42.83 -2.30
C ASN A 173 44.02 42.76 -3.59
N ASP A 174 45.35 42.79 -3.45
CA ASP A 174 46.27 42.81 -4.59
C ASP A 174 46.47 41.40 -5.18
N PRO A 175 46.03 41.17 -6.44
CA PRO A 175 46.11 39.85 -7.06
C PRO A 175 47.48 39.46 -7.64
N THR A 176 48.44 40.40 -7.70
CA THR A 176 49.79 40.14 -8.24
C THR A 176 50.42 38.87 -7.66
N GLU A 177 50.24 38.69 -6.34
CA GLU A 177 50.66 37.49 -5.61
C GLU A 177 50.39 36.17 -6.35
N LEU A 178 49.23 36.06 -7.00
CA LEU A 178 48.69 34.79 -7.47
C LEU A 178 48.98 34.41 -8.92
N ASP A 179 49.74 35.25 -9.64
CA ASP A 179 50.08 35.02 -11.07
C ASP A 179 48.94 34.40 -11.92
N LEU A 180 47.74 34.97 -11.78
CA LEU A 180 46.57 34.53 -12.55
C LEU A 180 46.59 35.06 -13.97
N ARG A 181 45.77 34.46 -14.82
CA ARG A 181 45.57 34.91 -16.21
C ARG A 181 44.06 35.10 -16.46
N PHE A 182 43.71 35.53 -17.67
CA PHE A 182 42.31 35.64 -18.09
C PHE A 182 41.88 34.32 -18.71
N ILE A 183 41.95 33.27 -17.90
CA ILE A 183 41.55 31.93 -18.26
C ILE A 183 40.81 31.29 -17.09
N ILE A 184 39.84 30.43 -17.40
CA ILE A 184 39.24 29.53 -16.42
C ILE A 184 39.41 28.11 -16.93
N ASP A 185 39.96 27.25 -16.07
CA ASP A 185 40.09 25.84 -16.39
C ASP A 185 38.79 25.13 -16.03
N GLU A 186 38.42 24.16 -16.85
CA GLU A 186 37.20 23.37 -16.64
C GLU A 186 37.47 21.91 -16.93
N GLU A 187 36.90 21.05 -16.09
CA GLU A 187 36.99 19.60 -16.26
C GLU A 187 35.64 19.09 -16.77
N LEU A 188 35.69 18.30 -17.84
CA LEU A 188 34.49 17.72 -18.43
C LEU A 188 34.88 16.38 -19.01
N PHE A 189 34.22 15.33 -18.51
CA PHE A 189 34.50 13.93 -18.89
C PHE A 189 35.95 13.56 -18.66
N GLY A 190 36.47 13.88 -17.47
CA GLY A 190 37.82 13.49 -17.06
C GLY A 190 38.93 14.38 -17.59
N GLN A 191 38.82 14.79 -18.86
CA GLN A 191 39.73 15.76 -19.46
C GLN A 191 39.58 17.12 -18.77
N THR A 192 40.66 17.89 -18.80
CA THR A 192 40.66 19.28 -18.31
C THR A 192 40.91 20.21 -19.50
N HIS A 193 40.31 21.40 -19.45
CA HIS A 193 40.39 22.39 -20.52
C HIS A 193 40.54 23.78 -19.92
N GLN A 194 41.41 24.61 -20.51
CA GLN A 194 41.38 26.05 -20.24
C GLN A 194 40.38 26.72 -21.18
N HIS A 195 39.85 27.86 -20.75
CA HIS A 195 39.00 28.69 -21.57
C HIS A 195 39.43 30.13 -21.40
N GLU A 196 39.80 30.78 -22.50
CA GLU A 196 40.23 32.17 -22.45
C GLU A 196 39.00 33.05 -22.30
N LEU A 197 39.04 33.96 -21.33
CA LEU A 197 37.90 34.81 -21.02
C LEU A 197 37.70 35.91 -22.06
N LYS A 198 38.80 36.32 -22.67
CA LYS A 198 38.80 37.25 -23.79
C LYS A 198 39.83 36.76 -24.79
N ASN A 199 39.91 37.43 -25.94
CA ASN A 199 40.93 37.10 -26.93
C ASN A 199 42.34 37.16 -26.30
N GLY A 200 43.10 36.09 -26.47
CA GLY A 200 44.47 35.97 -25.93
C GLY A 200 44.60 36.10 -24.42
N GLY A 201 43.57 35.71 -23.68
CA GLY A 201 43.52 35.85 -22.23
C GLY A 201 44.56 35.06 -21.47
N SER A 202 45.06 33.98 -22.08
CA SER A 202 46.16 33.18 -21.53
C SER A 202 47.45 33.98 -21.36
N GLU A 203 47.73 34.88 -22.30
CA GLU A 203 48.87 35.80 -22.20
C GLU A 203 48.64 37.02 -21.28
N ILE A 204 47.40 37.26 -20.83
CA ILE A 204 47.09 38.46 -20.04
C ILE A 204 47.11 38.19 -18.55
N VAL A 205 48.02 38.85 -17.85
CA VAL A 205 48.09 38.79 -16.39
C VAL A 205 46.95 39.58 -15.78
N VAL A 206 46.42 39.11 -14.66
CA VAL A 206 45.42 39.83 -13.89
C VAL A 206 46.14 40.69 -12.84
N THR A 207 45.81 41.97 -12.82
CA THR A 207 46.47 42.97 -11.97
C THR A 207 45.41 43.87 -11.36
N ASN A 208 45.83 44.77 -10.46
CA ASN A 208 44.92 45.78 -9.90
C ASN A 208 44.24 46.62 -10.97
N LYS A 209 45.02 47.04 -11.98
CA LYS A 209 44.49 47.87 -13.06
C LYS A 209 43.36 47.21 -13.87
N ASN A 210 43.32 45.88 -13.96
CA ASN A 210 42.30 45.19 -14.78
C ASN A 210 41.50 44.07 -14.09
N LYS A 211 41.50 44.04 -12.76
CA LYS A 211 40.81 42.98 -12.00
C LYS A 211 39.28 43.13 -11.99
N LYS A 212 38.77 44.36 -11.91
CA LYS A 212 37.30 44.57 -12.00
C LYS A 212 36.76 43.99 -13.32
N GLU A 213 37.53 44.11 -14.40
CA GLU A 213 37.23 43.43 -15.66
C GLU A 213 37.35 41.91 -15.55
N TYR A 214 38.37 41.46 -14.84
CA TYR A 214 38.53 40.03 -14.58
C TYR A 214 37.28 39.49 -13.91
N ILE A 215 36.91 40.07 -12.76
CA ILE A 215 35.75 39.59 -12.01
C ILE A 215 34.50 39.54 -12.92
N TYR A 216 34.18 40.67 -13.56
CA TYR A 216 33.03 40.76 -14.46
C TYR A 216 32.97 39.58 -15.42
N LEU A 217 34.05 39.39 -16.17
CA LEU A 217 34.13 38.34 -17.19
C LEU A 217 33.94 36.93 -16.63
N VAL A 218 34.51 36.67 -15.45
CA VAL A 218 34.37 35.37 -14.78
C VAL A 218 32.90 35.08 -14.47
N ILE A 219 32.15 36.12 -14.09
CA ILE A 219 30.72 35.99 -13.80
C ILE A 219 29.95 35.60 -15.05
N GLN A 220 30.13 36.36 -16.13
CA GLN A 220 29.46 36.06 -17.41
C GLN A 220 29.76 34.61 -17.83
N TRP A 221 31.01 34.19 -17.70
CA TRP A 221 31.41 32.83 -18.04
C TRP A 221 30.79 31.79 -17.08
N ARG A 222 30.70 32.12 -15.80
CA ARG A 222 30.08 31.20 -14.83
C ARG A 222 28.59 31.01 -15.10
N PHE A 223 27.91 32.06 -15.57
CA PHE A 223 26.45 32.06 -15.61
C PHE A 223 25.72 32.39 -16.93
N VAL A 224 26.28 33.25 -17.77
CA VAL A 224 25.54 33.74 -18.96
C VAL A 224 26.02 33.18 -20.31
N ASN A 225 27.31 33.36 -20.60
CA ASN A 225 27.82 33.24 -21.98
C ASN A 225 27.65 31.87 -22.62
N ARG A 226 27.79 30.82 -21.80
CA ARG A 226 27.75 29.44 -22.29
C ARG A 226 26.39 28.76 -22.16
N ILE A 227 25.34 29.51 -21.81
CA ILE A 227 23.99 28.97 -21.77
C ILE A 227 22.93 29.85 -22.48
N GLN A 228 23.36 30.70 -23.41
CA GLN A 228 22.44 31.59 -24.13
C GLN A 228 21.50 30.79 -25.04
N LYS A 229 22.07 29.88 -25.80
CA LYS A 229 21.30 29.05 -26.73
C LYS A 229 20.21 28.21 -26.03
N GLN A 230 20.57 27.64 -24.89
CA GLN A 230 19.66 26.77 -24.12
C GLN A 230 18.56 27.60 -23.49
N MET A 231 18.97 28.63 -22.75
CA MET A 231 18.04 29.54 -22.09
C MET A 231 17.10 30.21 -23.09
N ALA A 232 17.62 30.53 -24.27
CA ALA A 232 16.78 31.07 -25.35
C ALA A 232 15.70 30.07 -25.69
N ALA A 233 16.11 28.83 -25.99
CA ALA A 233 15.18 27.76 -26.33
C ALA A 233 14.09 27.63 -25.25
N PHE A 234 14.53 27.52 -24.01
CA PHE A 234 13.61 27.45 -22.89
C PHE A 234 12.61 28.58 -22.97
N LYS A 235 13.13 29.80 -23.04
CA LYS A 235 12.29 31.00 -23.07
C LYS A 235 11.31 31.01 -24.24
N GLU A 236 11.75 30.49 -25.38
CA GLU A 236 10.87 30.36 -26.52
C GLU A 236 9.65 29.50 -26.20
N GLY A 237 9.89 28.30 -25.68
CA GLY A 237 8.82 27.40 -25.29
C GLY A 237 7.90 27.99 -24.23
N PHE A 238 8.51 28.57 -23.20
CA PHE A 238 7.76 29.17 -22.12
C PHE A 238 6.81 30.25 -22.64
N PHE A 239 7.34 31.15 -23.47
CA PHE A 239 6.55 32.27 -24.00
C PHE A 239 5.58 31.90 -25.12
N GLU A 240 5.74 30.73 -25.69
CA GLU A 240 4.69 30.14 -26.53
C GLU A 240 3.38 29.99 -25.75
N LEU A 241 3.46 29.76 -24.44
CA LEU A 241 2.28 29.67 -23.56
C LEU A 241 1.98 30.88 -22.71
N ILE A 242 3.02 31.61 -22.28
CA ILE A 242 2.82 32.81 -21.46
C ILE A 242 3.34 34.01 -22.24
N PRO A 243 2.50 35.04 -22.46
CA PRO A 243 3.08 36.25 -23.05
C PRO A 243 4.20 36.85 -22.17
N GLN A 244 5.29 37.25 -22.80
CA GLN A 244 6.44 37.86 -22.10
C GLN A 244 6.08 39.17 -21.40
N ASP A 245 5.12 39.91 -21.97
CA ASP A 245 4.65 41.15 -21.36
C ASP A 245 3.96 40.87 -20.03
N LEU A 246 3.17 39.80 -19.99
CA LEU A 246 2.49 39.37 -18.76
C LEU A 246 3.48 38.92 -17.67
N ILE A 247 4.56 38.25 -18.07
CA ILE A 247 5.58 37.80 -17.11
C ILE A 247 6.40 38.98 -16.56
N LYS A 248 6.49 40.07 -17.32
CA LYS A 248 7.26 41.27 -16.94
C LYS A 248 6.86 41.93 -15.61
N ILE A 249 5.59 41.82 -15.23
CA ILE A 249 5.10 42.37 -13.95
C ILE A 249 5.64 41.66 -12.70
N PHE A 250 6.12 40.43 -12.85
CA PHE A 250 6.75 39.71 -11.73
C PHE A 250 8.25 39.98 -11.70
N ASP A 251 8.82 39.90 -10.50
CA ASP A 251 10.26 39.98 -10.30
C ASP A 251 10.81 38.55 -10.19
N GLU A 252 12.13 38.45 -9.98
CA GLU A 252 12.83 37.14 -9.88
C GLU A 252 12.41 36.27 -8.69
N ASN A 253 11.99 36.91 -7.60
CA ASN A 253 11.52 36.19 -6.42
C ASN A 253 10.13 35.63 -6.62
N GLU A 254 9.23 36.51 -7.07
CA GLU A 254 7.86 36.14 -7.42
C GLU A 254 7.83 35.06 -8.48
N LEU A 255 8.67 35.22 -9.51
CA LEU A 255 8.70 34.29 -10.64
C LEU A 255 9.08 32.86 -10.28
N GLU A 256 9.82 32.66 -9.19
CA GLU A 256 10.00 31.31 -8.62
C GLU A 256 8.71 30.82 -7.96
N LEU A 257 7.99 31.71 -7.29
CA LEU A 257 6.68 31.37 -6.71
C LEU A 257 5.59 31.22 -7.79
N LEU A 258 5.72 31.92 -8.92
CA LEU A 258 4.77 31.79 -10.05
C LEU A 258 4.80 30.42 -10.70
N MET A 259 5.99 29.84 -10.86
CA MET A 259 6.16 28.59 -11.62
C MET A 259 6.79 27.40 -10.91
N CYS A 260 7.40 27.60 -9.74
CA CYS A 260 8.03 26.49 -9.00
C CYS A 260 7.41 26.28 -7.64
N GLY A 261 7.60 25.08 -7.11
CA GLY A 261 6.97 24.69 -5.86
C GLY A 261 6.77 23.19 -5.77
N LEU A 262 6.45 22.75 -4.55
CA LEU A 262 6.35 21.34 -4.23
C LEU A 262 4.95 20.83 -4.57
N GLY A 263 4.88 19.62 -5.12
CA GLY A 263 3.60 18.99 -5.49
C GLY A 263 2.89 18.23 -4.38
N ASP A 264 3.24 18.51 -3.13
CA ASP A 264 2.63 17.91 -1.95
C ASP A 264 3.08 18.74 -0.76
N VAL A 265 2.19 18.94 0.22
CA VAL A 265 2.52 19.70 1.43
C VAL A 265 3.12 18.75 2.47
N ASP A 266 4.37 19.02 2.87
CA ASP A 266 5.03 18.26 3.92
C ASP A 266 4.21 18.43 5.19
N VAL A 267 3.94 17.32 5.88
CA VAL A 267 3.03 17.31 7.02
C VAL A 267 3.73 17.74 8.31
N ASN A 268 4.98 17.28 8.51
CA ASN A 268 5.79 17.69 9.66
C ASN A 268 5.97 19.21 9.68
N ASP A 269 6.25 19.79 8.51
CA ASP A 269 6.39 21.23 8.34
C ASP A 269 5.09 21.96 8.65
N TRP A 270 3.99 21.40 8.17
CA TRP A 270 2.65 21.94 8.42
C TRP A 270 2.35 21.89 9.92
N ARG A 271 2.56 20.73 10.52
CA ARG A 271 2.33 20.54 11.95
C ARG A 271 3.23 21.44 12.82
N GLU A 272 4.49 21.60 12.38
CA GLU A 272 5.47 22.46 13.08
C GLU A 272 5.01 23.91 13.23
N HIS A 273 4.31 24.44 12.22
CA HIS A 273 3.94 25.85 12.15
C HIS A 273 2.44 26.09 12.31
N THR A 274 1.82 25.32 13.21
CA THR A 274 0.38 25.41 13.44
C THR A 274 0.10 25.82 14.89
N LYS A 275 -0.83 26.76 15.05
CA LYS A 275 -1.26 27.25 16.37
C LYS A 275 -2.64 26.68 16.69
N TYR A 276 -3.01 26.68 17.97
CA TYR A 276 -4.29 26.14 18.43
C TYR A 276 -4.96 27.09 19.41
N LYS A 277 -6.30 27.14 19.34
CA LYS A 277 -7.11 28.06 20.15
C LYS A 277 -8.31 27.35 20.78
N ASN A 278 -8.75 27.87 21.93
CA ASN A 278 -9.98 27.47 22.59
C ASN A 278 -10.03 25.99 22.99
N GLY A 279 -8.96 25.52 23.65
CA GLY A 279 -8.91 24.18 24.22
C GLY A 279 -8.01 23.23 23.48
N TYR A 280 -7.95 23.37 22.16
CA TYR A 280 -7.10 22.49 21.35
C TYR A 280 -5.61 22.75 21.58
N SER A 281 -4.84 21.71 21.28
CA SER A 281 -3.44 21.63 21.61
C SER A 281 -2.85 20.45 20.83
N ALA A 282 -1.54 20.48 20.56
CA ALA A 282 -0.88 19.45 19.75
C ALA A 282 -1.23 18.00 20.11
N ASN A 283 -1.27 17.71 21.41
CA ASN A 283 -1.59 16.36 21.92
C ASN A 283 -3.05 16.16 22.36
N HIS A 284 -3.91 17.14 22.06
CA HIS A 284 -5.37 17.01 22.18
C HIS A 284 -5.84 15.89 21.26
N GLN A 285 -6.90 15.18 21.64
CA GLN A 285 -7.34 14.00 20.88
C GLN A 285 -7.84 14.36 19.48
N VAL A 286 -8.67 15.37 19.40
CA VAL A 286 -9.15 15.91 18.12
C VAL A 286 -8.01 16.41 17.22
N ILE A 287 -7.00 17.05 17.79
CA ILE A 287 -5.84 17.47 17.00
C ILE A 287 -5.02 16.27 16.56
N GLN A 288 -4.90 15.27 17.41
CA GLN A 288 -4.23 14.02 17.02
C GLN A 288 -4.92 13.42 15.81
N TRP A 289 -6.25 13.30 15.86
CA TRP A 289 -7.04 12.80 14.73
C TRP A 289 -6.94 13.68 13.48
N PHE A 290 -6.93 15.00 13.65
CA PHE A 290 -6.80 15.94 12.53
C PHE A 290 -5.56 15.65 11.72
N TRP A 291 -4.41 15.57 12.38
CA TRP A 291 -3.14 15.34 11.69
C TRP A 291 -3.05 13.93 11.10
N LYS A 292 -3.61 12.96 11.80
CA LYS A 292 -3.78 11.60 11.26
C LYS A 292 -4.46 11.64 9.88
N ALA A 293 -5.50 12.47 9.77
CA ALA A 293 -6.19 12.68 8.51
C ALA A 293 -5.25 13.26 7.48
N VAL A 294 -4.65 14.40 7.81
CA VAL A 294 -3.75 15.09 6.88
C VAL A 294 -2.63 14.15 6.41
N LEU A 295 -2.07 13.38 7.36
CA LEU A 295 -1.07 12.35 7.06
C LEU A 295 -1.60 11.30 6.09
N MET A 296 -2.82 10.83 6.31
CA MET A 296 -3.43 9.76 5.50
C MET A 296 -4.18 10.24 4.26
N MET A 297 -4.12 11.54 3.98
CA MET A 297 -4.50 12.03 2.67
C MET A 297 -3.44 11.70 1.62
N ASP A 298 -3.81 11.88 0.36
CA ASP A 298 -2.85 12.00 -0.73
C ASP A 298 -2.54 13.49 -0.90
N SER A 299 -1.58 13.78 -1.78
CA SER A 299 -1.18 15.16 -2.05
C SER A 299 -2.34 16.02 -2.58
N GLU A 300 -3.20 15.40 -3.39
CA GLU A 300 -4.33 16.10 -3.98
C GLU A 300 -5.34 16.53 -2.91
N LYS A 301 -5.66 15.60 -2.01
CA LYS A 301 -6.51 15.91 -0.86
C LYS A 301 -5.88 16.93 0.10
N ARG A 302 -4.55 16.86 0.26
CA ARG A 302 -3.82 17.84 1.08
C ARG A 302 -3.86 19.25 0.49
N ILE A 303 -3.66 19.36 -0.82
CA ILE A 303 -3.67 20.66 -1.51
C ILE A 303 -5.08 21.26 -1.53
N ARG A 304 -6.09 20.41 -1.71
CA ARG A 304 -7.48 20.87 -1.64
C ARG A 304 -7.82 21.39 -0.22
N LEU A 305 -7.26 20.76 0.81
CA LEU A 305 -7.41 21.23 2.19
C LEU A 305 -6.70 22.56 2.41
N LEU A 306 -5.47 22.68 1.92
CA LEU A 306 -4.71 23.92 2.03
C LEU A 306 -5.48 25.10 1.44
N GLN A 307 -6.02 24.92 0.22
CA GLN A 307 -6.86 25.92 -0.44
C GLN A 307 -8.09 26.27 0.40
N PHE A 308 -8.74 25.25 0.96
CA PHE A 308 -9.90 25.45 1.83
C PHE A 308 -9.62 26.42 2.98
N VAL A 309 -8.43 26.32 3.57
CA VAL A 309 -8.09 27.06 4.80
C VAL A 309 -7.30 28.34 4.55
N THR A 310 -6.25 28.28 3.74
CA THR A 310 -5.42 29.47 3.47
C THR A 310 -6.00 30.33 2.33
N GLY A 311 -6.51 29.68 1.29
CA GLY A 311 -6.99 30.36 0.09
C GLY A 311 -6.02 30.28 -1.08
N THR A 312 -4.94 29.51 -0.93
CA THR A 312 -3.96 29.29 -2.00
C THR A 312 -3.55 27.82 -2.06
N SER A 313 -2.82 27.49 -3.12
CA SER A 313 -2.22 26.17 -3.29
C SER A 313 -0.69 26.26 -3.47
N ARG A 314 -0.11 27.43 -3.15
CA ARG A 314 1.30 27.70 -3.42
C ARG A 314 2.16 27.13 -2.30
N VAL A 315 2.91 26.07 -2.62
CA VAL A 315 3.91 25.52 -1.71
C VAL A 315 5.25 26.16 -2.07
N PRO A 316 5.84 26.95 -1.16
CA PRO A 316 7.00 27.76 -1.53
C PRO A 316 8.33 27.01 -1.70
N MET A 317 8.52 25.92 -0.95
CA MET A 317 9.86 25.42 -0.56
C MET A 317 10.34 26.25 0.65
N ASN A 318 11.41 25.80 1.30
CA ASN A 318 11.84 26.32 2.61
C ASN A 318 10.78 26.06 3.71
N GLY A 319 9.98 27.07 4.10
CA GLY A 319 9.16 26.96 5.31
C GLY A 319 7.68 27.30 5.22
N PHE A 320 6.93 26.77 6.18
CA PHE A 320 5.60 27.30 6.55
C PHE A 320 5.73 28.55 7.42
N ALA A 321 6.94 28.79 7.96
CA ALA A 321 7.30 30.07 8.58
C ALA A 321 7.11 31.24 7.60
N GLU A 322 7.56 31.03 6.35
CA GLU A 322 7.33 32.00 5.26
C GLU A 322 5.90 31.86 4.74
N LEU A 323 4.95 32.42 5.51
CA LEU A 323 3.51 32.38 5.20
C LEU A 323 2.84 33.65 5.72
N TYR A 324 2.76 34.67 4.86
CA TYR A 324 2.26 36.00 5.25
C TYR A 324 0.73 36.06 5.11
N GLY A 328 -1.23 41.19 7.72
CA GLY A 328 0.05 40.91 8.37
C GLY A 328 0.50 39.46 8.22
N PRO A 329 1.61 39.08 8.89
CA PRO A 329 2.11 37.71 8.86
C PRO A 329 1.30 36.79 9.77
N GLN A 330 0.70 35.74 9.19
CA GLN A 330 -0.17 34.82 9.94
C GLN A 330 0.08 33.35 9.55
N SER A 331 0.38 32.52 10.55
CA SER A 331 0.58 31.09 10.37
C SER A 331 -0.74 30.32 10.54
N PHE A 332 -0.69 29.02 10.23
CA PHE A 332 -1.87 28.13 10.27
C PHE A 332 -2.39 27.94 11.69
N THR A 333 -3.70 28.02 11.87
CA THR A 333 -4.33 27.92 13.20
C THR A 333 -5.57 27.02 13.17
N VAL A 334 -5.79 26.29 14.27
CA VAL A 334 -6.93 25.39 14.39
C VAL A 334 -7.65 25.67 15.71
N GLU A 335 -8.87 26.19 15.61
CA GLU A 335 -9.68 26.60 16.76
C GLU A 335 -10.92 25.70 16.91
N GLN A 336 -11.35 25.51 18.14
CA GLN A 336 -12.59 24.77 18.42
C GLN A 336 -13.81 25.68 18.23
N TRP A 337 -14.66 25.36 17.25
CA TRP A 337 -15.96 26.04 17.06
C TRP A 337 -17.05 25.01 16.77
N GLY A 338 -18.16 25.11 17.49
CA GLY A 338 -19.40 24.44 17.10
C GLY A 338 -19.60 23.12 17.80
N THR A 339 -20.48 22.29 17.23
CA THR A 339 -20.77 20.97 17.74
C THR A 339 -20.59 19.93 16.63
N PRO A 340 -20.47 18.64 17.00
CA PRO A 340 -20.28 17.58 15.99
C PRO A 340 -21.27 17.55 14.83
N GLU A 341 -22.49 18.06 15.02
CA GLU A 341 -23.46 18.15 13.93
C GLU A 341 -23.10 19.22 12.89
N LYS A 342 -22.41 20.27 13.33
CA LYS A 342 -21.84 21.27 12.42
C LYS A 342 -20.62 20.71 11.68
N LEU A 343 -20.54 20.96 10.38
CA LEU A 343 -19.32 20.73 9.61
C LEU A 343 -18.31 21.82 9.95
N PRO A 344 -17.01 21.57 9.71
CA PRO A 344 -16.03 22.61 10.01
C PRO A 344 -15.99 23.66 8.91
N ARG A 345 -15.62 24.89 9.28
CA ARG A 345 -15.49 25.99 8.33
C ARG A 345 -14.16 26.70 8.47
N ALA A 346 -13.76 27.39 7.40
CA ALA A 346 -12.48 28.07 7.33
C ALA A 346 -12.62 29.59 7.28
N HIS A 347 -11.49 30.27 7.49
CA HIS A 347 -11.37 31.70 7.30
C HIS A 347 -10.01 31.96 6.63
N THR A 348 -10.02 32.01 5.31
CA THR A 348 -8.82 32.33 4.51
C THR A 348 -8.18 33.66 4.91
N CYS A 349 -9.02 34.60 5.37
CA CYS A 349 -8.59 35.84 6.01
C CYS A 349 -7.53 35.62 7.09
N PHE A 350 -7.87 34.76 8.05
CA PHE A 350 -7.03 34.50 9.23
C PHE A 350 -6.17 33.23 9.14
N ASN A 351 -6.21 32.51 8.01
CA ASN A 351 -5.53 31.20 7.85
C ASN A 351 -5.93 30.26 9.00
N ARG A 352 -7.24 30.17 9.24
CA ARG A 352 -7.77 29.49 10.43
C ARG A 352 -8.89 28.50 10.09
N LEU A 353 -8.80 27.31 10.70
CA LEU A 353 -9.83 26.27 10.58
C LEU A 353 -10.62 26.17 11.86
N ASP A 354 -11.95 26.27 11.77
CA ASP A 354 -12.82 26.13 12.92
C ASP A 354 -13.39 24.72 12.95
N LEU A 355 -12.89 23.92 13.89
CA LEU A 355 -13.11 22.47 13.93
C LEU A 355 -13.91 22.07 15.19
N PRO A 356 -15.16 21.57 15.01
CA PRO A 356 -15.90 21.09 16.18
C PRO A 356 -15.27 19.84 16.81
N PRO A 357 -15.51 19.62 18.13
CA PRO A 357 -14.88 18.49 18.81
C PRO A 357 -15.61 17.18 18.52
N TYR A 358 -15.13 16.45 17.52
CA TYR A 358 -15.83 15.26 17.01
C TYR A 358 -15.63 14.04 17.87
N GLU A 359 -16.52 13.07 17.69
CA GLU A 359 -16.57 11.83 18.46
C GLU A 359 -15.45 10.89 18.02
N SER A 360 -15.18 10.83 16.72
CA SER A 360 -14.19 9.90 16.19
C SER A 360 -13.31 10.51 15.12
N PHE A 361 -12.27 9.76 14.76
CA PHE A 361 -11.44 10.03 13.59
C PHE A 361 -12.27 10.10 12.31
N GLU A 362 -13.11 9.08 12.09
CA GLU A 362 -13.84 8.95 10.83
C GLU A 362 -14.89 10.05 10.64
N GLU A 363 -15.52 10.46 11.75
CA GLU A 363 -16.43 11.62 11.74
C GLU A 363 -15.68 12.84 11.24
N LEU A 364 -14.55 13.12 11.88
CA LEU A 364 -13.69 14.25 11.50
C LEU A 364 -13.26 14.17 10.04
N TRP A 365 -12.86 12.98 9.59
CA TRP A 365 -12.51 12.76 8.19
C TRP A 365 -13.66 13.09 7.24
N ASP A 366 -14.85 12.60 7.56
CA ASP A 366 -16.01 12.79 6.68
C ASP A 366 -16.50 14.23 6.70
N LYS A 367 -16.83 14.73 7.89
CA LYS A 367 -17.32 16.09 8.04
C LYS A 367 -16.38 17.12 7.37
N LEU A 368 -15.07 16.92 7.51
CA LEU A 368 -14.08 17.81 6.89
C LEU A 368 -14.08 17.69 5.38
N GLN A 369 -14.07 16.47 4.87
CA GLN A 369 -14.08 16.22 3.43
C GLN A 369 -15.30 16.81 2.74
N MET A 370 -16.46 16.74 3.39
CA MET A 370 -17.67 17.32 2.85
C MET A 370 -17.53 18.85 2.77
N ALA A 371 -17.15 19.48 3.87
CA ALA A 371 -16.92 20.92 3.93
C ALA A 371 -16.02 21.44 2.81
N ILE A 372 -15.00 20.66 2.44
CA ILE A 372 -14.11 21.03 1.33
C ILE A 372 -14.84 20.89 0.00
N GLU A 373 -15.56 19.78 -0.17
CA GLU A 373 -16.37 19.55 -1.36
C GLU A 373 -17.46 20.63 -1.54
N ASN A 374 -17.95 21.20 -0.43
CA ASN A 374 -18.89 22.32 -0.47
C ASN A 374 -18.33 23.63 -1.03
N THR A 375 -17.01 23.78 -1.02
CA THR A 375 -16.35 24.93 -1.66
C THR A 375 -15.97 24.65 -3.11
N GLN A 376 -15.90 23.37 -3.50
CA GLN A 376 -15.75 23.01 -4.91
C GLN A 376 -16.98 23.44 -5.77
N GLY A 377 -18.13 23.62 -5.13
CA GLY A 377 -19.32 24.17 -5.80
C GLY A 377 -19.18 25.62 -6.25
N ARG B 2 -12.36 -23.26 -13.32
CA ARG B 2 -12.00 -23.13 -14.76
C ARG B 2 -12.50 -21.79 -15.32
N ASP B 3 -13.81 -21.58 -15.30
CA ASP B 3 -14.42 -20.27 -15.61
C ASP B 3 -14.31 -19.33 -14.39
N TYR B 4 -14.04 -19.91 -13.21
CA TYR B 4 -13.71 -19.16 -12.00
C TYR B 4 -12.63 -18.10 -12.21
N LYS B 5 -11.60 -18.43 -13.02
CA LYS B 5 -10.53 -17.48 -13.35
C LYS B 5 -11.08 -16.24 -14.06
N ARG B 6 -11.94 -16.46 -15.07
CA ARG B 6 -12.63 -15.36 -15.76
C ARG B 6 -13.63 -14.66 -14.83
N LYS B 7 -14.30 -15.44 -13.98
CA LYS B 7 -15.25 -14.91 -12.98
C LYS B 7 -14.55 -14.02 -11.94
N TYR B 8 -13.52 -14.56 -11.28
CA TYR B 8 -12.74 -13.84 -10.28
C TYR B 8 -12.09 -12.59 -10.86
N GLU B 9 -11.63 -12.67 -12.10
CA GLU B 9 -11.08 -11.51 -12.80
C GLU B 9 -12.16 -10.42 -12.89
N PHE B 10 -13.32 -10.80 -13.42
CA PHE B 10 -14.45 -9.87 -13.61
C PHE B 10 -14.93 -9.29 -12.29
N PHE B 11 -15.02 -10.16 -11.28
CA PHE B 11 -15.37 -9.78 -9.91
C PHE B 11 -14.49 -8.64 -9.40
N ARG B 12 -13.18 -8.86 -9.42
CA ARG B 12 -12.23 -7.87 -8.93
C ARG B 12 -12.27 -6.60 -9.78
N ARG B 13 -12.37 -6.76 -11.09
CA ARG B 13 -12.55 -5.62 -12.01
C ARG B 13 -13.82 -4.81 -11.70
N LYS B 14 -14.88 -5.49 -11.28
CA LYS B 14 -16.13 -4.81 -10.88
C LYS B 14 -16.06 -4.22 -9.46
N LEU B 15 -15.21 -4.76 -8.59
CA LEU B 15 -14.99 -4.18 -7.25
C LEU B 15 -14.35 -2.79 -7.29
N LYS B 16 -15.18 -1.76 -7.09
CA LYS B 16 -14.77 -0.36 -7.25
C LYS B 16 -13.85 0.07 -6.10
N LYS B 17 -12.81 0.83 -6.44
CA LYS B 17 -11.93 1.43 -5.43
C LYS B 17 -12.60 2.67 -4.82
N GLN B 18 -12.31 2.93 -3.55
CA GLN B 18 -12.82 4.12 -2.85
C GLN B 18 -11.93 5.34 -3.08
N ASN B 19 -12.56 6.48 -3.34
CA ASN B 19 -11.86 7.73 -3.67
C ASN B 19 -12.14 8.85 -2.67
N ASP B 20 -12.71 8.50 -1.52
CA ASP B 20 -13.16 9.47 -0.54
C ASP B 20 -12.72 9.10 0.87
N ILE B 21 -11.68 8.26 0.94
CA ILE B 21 -11.36 7.49 2.14
C ILE B 21 -9.83 7.49 2.37
N PRO B 22 -9.37 7.45 3.65
CA PRO B 22 -7.92 7.56 3.89
C PRO B 22 -7.07 6.42 3.31
N ASN B 23 -5.76 6.67 3.18
CA ASN B 23 -4.84 5.74 2.50
C ASN B 23 -4.65 4.39 3.18
N LYS B 24 -4.89 4.34 4.49
CA LYS B 24 -4.71 3.14 5.29
C LYS B 24 -5.79 3.04 6.36
N PHE B 25 -6.24 1.81 6.64
CA PHE B 25 -7.07 1.55 7.81
C PHE B 25 -6.15 1.11 8.93
N GLU B 26 -6.04 1.95 9.96
CA GLU B 26 -5.16 1.69 11.07
C GLU B 26 -5.83 0.76 12.07
N MET B 27 -5.07 -0.22 12.57
CA MET B 27 -5.51 -1.10 13.65
C MET B 27 -4.36 -1.28 14.64
N LYS B 28 -4.60 -0.91 15.90
CA LYS B 28 -3.61 -1.02 16.99
C LYS B 28 -4.10 -2.05 18.03
N LEU B 29 -3.65 -3.30 17.86
CA LEU B 29 -4.19 -4.44 18.60
C LEU B 29 -3.16 -5.15 19.47
N ARG B 30 -3.65 -5.86 20.48
CA ARG B 30 -2.83 -6.75 21.31
C ARG B 30 -3.22 -8.20 20.98
N ARG B 31 -2.24 -9.07 20.76
CA ARG B 31 -2.49 -10.47 20.41
C ARG B 31 -3.33 -11.16 21.47
N ALA B 32 -3.02 -10.88 22.73
CA ALA B 32 -3.78 -11.40 23.85
C ALA B 32 -5.28 -11.11 23.78
N THR B 33 -5.67 -9.99 23.17
CA THR B 33 -7.07 -9.54 23.12
C THR B 33 -7.53 -9.12 21.71
N VAL B 34 -7.11 -9.87 20.69
CA VAL B 34 -7.47 -9.56 19.30
C VAL B 34 -8.97 -9.38 19.05
N LEU B 35 -9.78 -10.25 19.63
CA LEU B 35 -11.23 -10.20 19.41
C LEU B 35 -11.80 -8.90 19.94
N GLU B 36 -11.56 -8.63 21.23
CA GLU B 36 -11.98 -7.38 21.84
C GLU B 36 -11.47 -6.18 21.03
N ASP B 37 -10.16 -6.15 20.82
CA ASP B 37 -9.50 -5.02 20.17
C ASP B 37 -9.97 -4.82 18.74
N SER B 38 -10.06 -5.91 17.97
CA SER B 38 -10.58 -5.85 16.59
C SER B 38 -12.07 -5.47 16.56
N TYR B 39 -12.84 -6.02 17.48
CA TYR B 39 -14.28 -5.75 17.56
C TYR B 39 -14.58 -4.28 17.84
N ARG B 40 -13.95 -3.72 18.87
CA ARG B 40 -14.19 -2.31 19.23
C ARG B 40 -13.88 -1.40 18.04
N ARG B 41 -12.65 -1.47 17.55
CA ARG B 41 -12.20 -0.65 16.43
C ARG B 41 -13.16 -0.72 15.24
N ILE B 42 -13.48 -1.93 14.81
CA ILE B 42 -14.23 -2.14 13.57
C ILE B 42 -15.70 -1.78 13.72
N MET B 43 -16.31 -2.17 14.84
CA MET B 43 -17.71 -1.80 15.10
C MET B 43 -17.91 -0.34 15.49
N GLY B 44 -16.80 0.35 15.79
CA GLY B 44 -16.80 1.80 15.86
C GLY B 44 -17.07 2.50 14.53
N VAL B 45 -16.76 1.89 13.40
CA VAL B 45 -16.76 2.65 12.14
C VAL B 45 -18.15 2.63 11.50
N LYS B 46 -18.82 3.78 11.54
CA LYS B 46 -20.15 3.93 10.96
C LYS B 46 -20.16 3.80 9.42
N ARG B 47 -19.13 4.30 8.72
CA ARG B 47 -19.01 4.07 7.28
C ARG B 47 -18.16 2.84 7.01
N ALA B 48 -18.75 1.87 6.32
CA ALA B 48 -18.06 0.65 5.94
C ALA B 48 -16.84 0.92 5.07
N ASP B 49 -16.96 1.91 4.16
CA ASP B 49 -15.92 2.23 3.17
C ASP B 49 -14.52 2.43 3.79
N PHE B 50 -14.45 3.03 4.97
CA PHE B 50 -13.18 3.16 5.72
C PHE B 50 -12.38 1.86 5.81
N LEU B 51 -13.09 0.73 5.84
CA LEU B 51 -12.47 -0.59 5.95
C LEU B 51 -11.81 -1.10 4.67
N LYS B 52 -12.04 -0.42 3.54
CA LYS B 52 -11.40 -0.77 2.28
C LYS B 52 -9.97 -0.22 2.11
N ALA B 53 -9.54 0.68 2.99
CA ALA B 53 -8.16 1.18 2.94
C ALA B 53 -7.13 0.08 3.23
N ARG B 54 -5.93 0.21 2.66
CA ARG B 54 -4.85 -0.76 2.88
C ARG B 54 -4.68 -1.00 4.38
N LEU B 55 -4.81 -2.26 4.81
CA LEU B 55 -4.88 -2.59 6.23
C LEU B 55 -3.51 -2.41 6.89
N TRP B 56 -3.44 -1.43 7.80
CA TRP B 56 -2.24 -1.12 8.55
C TRP B 56 -2.40 -1.59 10.00
N ILE B 57 -1.92 -2.81 10.27
CA ILE B 57 -2.14 -3.49 11.54
C ILE B 57 -0.79 -3.63 12.27
N GLU B 58 -0.79 -3.35 13.57
CA GLU B 58 0.43 -3.39 14.40
C GLU B 58 0.14 -4.01 15.77
N PHE B 59 0.73 -5.18 16.03
CA PHE B 59 0.53 -5.88 17.31
C PHE B 59 1.56 -5.49 18.37
N ASP B 60 1.06 -5.23 19.57
CA ASP B 60 1.90 -5.10 20.76
C ASP B 60 3.13 -4.19 20.53
N GLY B 61 2.91 -3.08 19.83
CA GLY B 61 3.97 -2.10 19.56
C GLY B 61 4.93 -2.40 18.41
N GLU B 62 4.84 -3.59 17.81
CA GLU B 62 5.77 -4.00 16.75
C GLU B 62 5.71 -3.04 15.57
N LYS B 63 6.82 -2.37 15.28
CA LYS B 63 6.86 -1.31 14.25
C LYS B 63 7.55 -1.76 12.96
N GLY B 64 7.03 -1.28 11.82
CA GLY B 64 7.69 -1.41 10.53
C GLY B 64 7.79 -2.79 9.90
N LEU B 65 6.84 -3.67 10.20
CA LEU B 65 6.79 -5.02 9.59
C LEU B 65 6.07 -4.95 8.24
N ASP B 66 6.16 -6.03 7.46
CA ASP B 66 5.54 -6.12 6.14
C ASP B 66 4.01 -6.08 6.21
N TYR B 67 3.43 -5.00 5.70
CA TYR B 67 1.98 -4.73 5.87
C TYR B 67 1.05 -5.88 5.44
N GLY B 68 1.25 -6.41 4.23
CA GLY B 68 0.42 -7.52 3.71
C GLY B 68 0.66 -8.87 4.40
N GLY B 69 1.82 -9.03 5.04
CA GLY B 69 2.13 -10.19 5.85
C GLY B 69 1.50 -10.13 7.23
N VAL B 70 1.40 -8.93 7.80
CA VAL B 70 0.78 -8.73 9.12
C VAL B 70 -0.74 -8.89 9.03
N ALA B 71 -1.31 -8.42 7.92
CA ALA B 71 -2.72 -8.67 7.60
C ALA B 71 -3.02 -10.17 7.63
N ARG B 72 -2.21 -10.93 6.90
CA ARG B 72 -2.29 -12.40 6.83
C ARG B 72 -2.47 -13.01 8.22
N GLU B 73 -1.61 -12.59 9.15
CA GLU B 73 -1.66 -13.06 10.53
C GLU B 73 -2.98 -12.66 11.19
N TRP B 74 -3.38 -11.41 11.03
CA TRP B 74 -4.60 -10.89 11.67
C TRP B 74 -5.81 -11.71 11.25
N PHE B 75 -6.03 -11.82 9.95
CA PHE B 75 -7.14 -12.61 9.43
C PHE B 75 -7.19 -14.02 10.00
N PHE B 76 -6.02 -14.63 10.17
CA PHE B 76 -5.91 -15.96 10.79
C PHE B 76 -6.31 -15.92 12.27
N LEU B 77 -5.67 -15.05 13.04
CA LEU B 77 -5.86 -14.99 14.49
C LEU B 77 -7.27 -14.59 14.88
N ILE B 78 -7.83 -13.63 14.15
CA ILE B 78 -9.19 -13.18 14.40
C ILE B 78 -10.18 -14.29 14.01
N SER B 79 -9.96 -14.94 12.86
CA SER B 79 -10.78 -16.09 12.44
C SER B 79 -10.74 -17.17 13.52
N LYS B 80 -9.54 -17.43 14.04
CA LYS B 80 -9.39 -18.39 15.12
C LYS B 80 -10.28 -18.03 16.32
N GLU B 81 -10.38 -16.74 16.64
CA GLU B 81 -11.19 -16.25 17.78
C GLU B 81 -12.70 -16.08 17.49
N MET B 82 -13.05 -15.41 16.39
CA MET B 82 -14.45 -15.23 15.93
C MET B 82 -15.23 -16.55 15.96
N PHE B 83 -14.62 -17.57 15.36
CA PHE B 83 -15.26 -18.85 15.14
C PHE B 83 -15.07 -19.87 16.25
N ASN B 84 -14.30 -19.54 17.28
CA ASN B 84 -14.11 -20.44 18.42
C ASN B 84 -15.45 -20.77 19.10
N PRO B 85 -15.90 -22.04 19.02
CA PRO B 85 -17.18 -22.42 19.62
C PRO B 85 -17.31 -22.17 21.12
N TYR B 86 -16.18 -22.04 21.80
CA TYR B 86 -16.10 -21.53 23.16
C TYR B 86 -17.06 -20.37 23.44
N TYR B 87 -17.18 -19.44 22.48
CA TYR B 87 -18.01 -18.21 22.63
C TYR B 87 -19.50 -18.39 22.34
N GLY B 88 -19.86 -19.41 21.58
CA GLY B 88 -21.25 -19.71 21.30
C GLY B 88 -21.89 -18.90 20.19
N LEU B 89 -21.10 -18.15 19.41
CA LEU B 89 -21.60 -17.57 18.16
C LEU B 89 -21.68 -18.70 17.16
N PHE B 90 -20.56 -19.39 16.98
CA PHE B 90 -20.51 -20.59 16.16
C PHE B 90 -20.36 -21.83 17.04
N GLU B 91 -20.52 -22.98 16.41
CA GLU B 91 -20.42 -24.25 17.08
C GLU B 91 -20.16 -25.31 16.03
N TYR B 92 -19.66 -26.45 16.49
CA TYR B 92 -19.44 -27.59 15.60
C TYR B 92 -20.77 -28.19 15.21
N SER B 93 -20.89 -28.61 13.94
CA SER B 93 -22.13 -29.18 13.42
C SER B 93 -22.65 -30.36 14.26
N ALA B 94 -21.71 -31.11 14.83
CA ALA B 94 -22.00 -32.14 15.84
C ALA B 94 -20.70 -32.45 16.60
N THR B 95 -20.78 -33.40 17.53
CA THR B 95 -19.57 -34.00 18.10
C THR B 95 -18.97 -34.94 17.04
N ASP B 96 -17.64 -35.05 17.03
CA ASP B 96 -16.87 -35.74 15.98
C ASP B 96 -17.05 -35.07 14.59
N ASN B 97 -17.26 -33.75 14.60
CA ASN B 97 -17.31 -32.92 13.40
C ASN B 97 -16.45 -31.67 13.60
N TYR B 98 -15.67 -31.33 12.58
CA TYR B 98 -14.81 -30.15 12.62
C TYR B 98 -15.41 -28.95 11.86
N THR B 99 -16.43 -29.18 11.04
CA THR B 99 -17.15 -28.09 10.35
C THR B 99 -17.98 -27.27 11.33
N LEU B 100 -18.38 -26.08 10.89
CA LEU B 100 -19.03 -25.07 11.75
C LEU B 100 -20.35 -24.53 11.18
N GLN B 101 -21.16 -23.98 12.09
CA GLN B 101 -22.50 -23.48 11.79
C GLN B 101 -22.89 -22.42 12.80
N ILE B 102 -23.76 -21.50 12.43
CA ILE B 102 -24.23 -20.48 13.38
C ILE B 102 -24.94 -21.19 14.53
N ASN B 103 -24.55 -20.89 15.77
CA ASN B 103 -25.23 -21.47 16.93
C ASN B 103 -26.59 -20.80 17.16
N PRO B 104 -27.70 -21.58 17.04
CA PRO B 104 -29.05 -21.03 17.31
C PRO B 104 -29.22 -20.36 18.67
N ASN B 105 -28.57 -20.89 19.70
CA ASN B 105 -28.69 -20.33 21.05
C ASN B 105 -27.63 -19.26 21.40
N SER B 106 -26.90 -18.79 20.39
CA SER B 106 -25.92 -17.71 20.55
C SER B 106 -26.37 -16.53 21.42
N GLY B 107 -27.64 -16.16 21.31
CA GLY B 107 -28.21 -15.08 22.11
C GLY B 107 -28.33 -15.38 23.60
N LEU B 108 -28.54 -16.65 23.93
CA LEU B 108 -28.50 -17.11 25.33
C LEU B 108 -27.08 -16.96 25.86
N CYS B 109 -26.10 -17.38 25.05
CA CYS B 109 -24.68 -17.24 25.40
C CYS B 109 -24.30 -15.79 25.60
N ASN B 110 -24.57 -14.97 24.60
CA ASN B 110 -24.22 -13.55 24.64
C ASN B 110 -25.30 -12.67 24.06
N GLU B 111 -25.72 -11.70 24.85
CA GLU B 111 -26.90 -10.88 24.57
C GLU B 111 -26.64 -9.96 23.37
N ASP B 112 -25.37 -9.57 23.17
CA ASP B 112 -24.95 -8.78 22.00
C ASP B 112 -24.40 -9.64 20.85
N HIS B 113 -24.83 -10.91 20.78
CA HIS B 113 -24.42 -11.81 19.69
C HIS B 113 -24.54 -11.19 18.30
N LEU B 114 -25.62 -10.45 18.04
CA LEU B 114 -25.92 -9.95 16.70
C LEU B 114 -24.92 -8.94 16.15
N SER B 115 -24.43 -8.01 16.97
CA SER B 115 -23.43 -7.06 16.47
C SER B 115 -22.09 -7.76 16.23
N TYR B 116 -21.80 -8.79 17.03
CA TYR B 116 -20.65 -9.67 16.77
C TYR B 116 -20.82 -10.43 15.44
N PHE B 117 -22.05 -10.83 15.12
CA PHE B 117 -22.30 -11.46 13.83
C PHE B 117 -22.08 -10.52 12.66
N LYS B 118 -22.59 -9.30 12.78
CA LYS B 118 -22.33 -8.27 11.78
C LYS B 118 -20.82 -8.06 11.64
N PHE B 119 -20.15 -7.90 12.78
CA PHE B 119 -18.69 -7.76 12.81
C PHE B 119 -17.98 -8.84 12.00
N ILE B 120 -18.31 -10.10 12.28
CA ILE B 120 -17.74 -11.23 11.55
C ILE B 120 -17.99 -11.09 10.04
N GLY B 121 -19.20 -10.66 9.68
CA GLY B 121 -19.56 -10.39 8.28
C GLY B 121 -18.66 -9.34 7.66
N ARG B 122 -18.52 -8.21 8.34
CA ARG B 122 -17.58 -7.17 7.93
C ARG B 122 -16.14 -7.70 7.76
N VAL B 123 -15.63 -8.42 8.76
CA VAL B 123 -14.29 -9.04 8.68
C VAL B 123 -14.19 -10.02 7.51
N ALA B 124 -15.26 -10.74 7.22
CA ALA B 124 -15.29 -11.68 6.11
C ALA B 124 -15.30 -10.95 4.77
N GLY B 125 -16.13 -9.91 4.69
CA GLY B 125 -16.17 -9.06 3.50
C GLY B 125 -14.86 -8.32 3.29
N MET B 126 -14.20 -7.96 4.41
CA MET B 126 -12.87 -7.36 4.36
C MET B 126 -11.90 -8.29 3.69
N ALA B 127 -11.81 -9.52 4.22
CA ALA B 127 -10.96 -10.57 3.63
C ALA B 127 -11.14 -10.62 2.12
N VAL B 128 -12.38 -10.74 1.68
CA VAL B 128 -12.67 -10.75 0.25
C VAL B 128 -12.11 -9.48 -0.38
N TYR B 129 -12.53 -8.32 0.12
CA TYR B 129 -12.18 -7.03 -0.50
C TYR B 129 -10.68 -6.89 -0.68
N HIS B 130 -9.92 -7.34 0.31
CA HIS B 130 -8.47 -7.31 0.24
C HIS B 130 -7.85 -8.63 -0.23
N GLY B 131 -8.53 -9.35 -1.13
CA GLY B 131 -8.04 -10.63 -1.65
C GLY B 131 -7.30 -11.52 -0.66
N LYS B 132 -7.84 -11.62 0.55
CA LYS B 132 -7.33 -12.50 1.60
C LYS B 132 -8.47 -13.44 1.99
N LEU B 133 -8.20 -14.40 2.87
CA LEU B 133 -9.17 -15.46 3.17
C LEU B 133 -9.35 -15.62 4.66
N LEU B 134 -10.52 -16.11 5.06
CA LEU B 134 -10.77 -16.47 6.46
C LEU B 134 -10.44 -17.95 6.62
N ASP B 135 -9.96 -18.31 7.81
CA ASP B 135 -9.65 -19.71 8.14
C ASP B 135 -10.88 -20.36 8.78
N GLY B 136 -11.72 -20.98 7.94
CA GLY B 136 -12.99 -21.56 8.40
C GLY B 136 -13.52 -22.70 7.55
N PHE B 137 -13.88 -23.80 8.24
CA PHE B 137 -14.62 -24.90 7.65
C PHE B 137 -16.10 -24.73 8.04
N PHE B 138 -16.90 -24.19 7.12
CA PHE B 138 -18.36 -24.07 7.31
C PHE B 138 -19.12 -25.07 6.45
N ILE B 139 -20.32 -25.39 6.91
CA ILE B 139 -21.23 -26.29 6.20
C ILE B 139 -21.80 -25.60 4.95
N ARG B 140 -22.02 -26.37 3.88
CA ARG B 140 -22.57 -25.83 2.63
C ARG B 140 -23.86 -25.01 2.81
N PRO B 141 -24.77 -25.46 3.72
CA PRO B 141 -25.96 -24.66 4.11
C PRO B 141 -25.69 -23.18 4.35
N PHE B 142 -24.60 -22.88 5.06
CA PHE B 142 -24.16 -21.51 5.28
C PHE B 142 -24.04 -20.76 3.95
N TYR B 143 -23.32 -21.36 3.01
CA TYR B 143 -23.07 -20.73 1.72
C TYR B 143 -24.32 -20.68 0.86
N LYS B 144 -25.19 -21.69 1.01
CA LYS B 144 -26.51 -21.65 0.36
C LYS B 144 -27.30 -20.45 0.86
N MET B 145 -27.45 -20.36 2.19
CA MET B 145 -28.19 -19.26 2.82
C MET B 145 -27.69 -17.86 2.43
N MET B 146 -26.40 -17.73 2.15
CA MET B 146 -25.86 -16.49 1.64
C MET B 146 -26.37 -16.12 0.26
N LEU B 147 -26.61 -17.12 -0.58
CA LEU B 147 -27.23 -16.90 -1.89
C LEU B 147 -28.78 -16.94 -1.89
N HIS B 148 -29.38 -16.86 -0.70
N HIS B 148 -29.39 -16.90 -0.71
CA HIS B 148 -30.82 -17.08 -0.45
CA HIS B 148 -30.86 -17.02 -0.54
C HIS B 148 -31.37 -18.35 -1.11
C HIS B 148 -31.39 -18.35 -1.09
N LYS B 149 -30.55 -19.39 -1.13
CA LYS B 149 -30.91 -20.66 -1.80
C LYS B 149 -31.49 -21.65 -0.79
N PRO B 150 -32.59 -22.34 -1.17
CA PRO B 150 -33.25 -23.36 -0.36
C PRO B 150 -32.36 -24.40 0.29
N ILE B 151 -32.79 -24.90 1.43
CA ILE B 151 -32.15 -26.02 2.10
C ILE B 151 -33.02 -27.26 1.89
N THR B 152 -32.37 -28.42 1.83
CA THR B 152 -32.99 -29.68 1.43
C THR B 152 -32.57 -30.80 2.37
N LEU B 153 -33.24 -31.95 2.28
CA LEU B 153 -32.88 -33.15 3.05
C LEU B 153 -31.45 -33.56 2.71
N HIS B 154 -31.14 -33.58 1.40
CA HIS B 154 -29.78 -33.83 0.90
C HIS B 154 -28.69 -33.12 1.70
N ASP B 155 -28.89 -31.82 1.93
CA ASP B 155 -27.90 -30.98 2.61
C ASP B 155 -27.51 -31.52 4.01
N MET B 156 -28.41 -32.24 4.69
CA MET B 156 -28.10 -32.81 6.01
C MET B 156 -27.09 -33.96 5.99
N GLU B 157 -26.94 -34.64 4.84
CA GLU B 157 -26.08 -35.83 4.75
C GLU B 157 -24.63 -35.53 5.12
N SER B 158 -24.05 -34.55 4.41
CA SER B 158 -22.66 -34.11 4.63
C SER B 158 -22.42 -33.60 6.05
N VAL B 159 -23.47 -33.05 6.65
CA VAL B 159 -23.42 -32.49 8.00
C VAL B 159 -23.55 -33.61 9.04
N ASP B 160 -24.64 -34.38 8.95
CA ASP B 160 -24.93 -35.52 9.83
C ASP B 160 -25.55 -36.67 9.04
N SER B 161 -24.77 -37.71 8.80
CA SER B 161 -25.20 -38.83 7.94
C SER B 161 -26.24 -39.68 8.65
N GLU B 162 -25.98 -40.05 9.91
CA GLU B 162 -26.88 -40.92 10.68
C GLU B 162 -28.27 -40.29 10.91
N TYR B 163 -28.30 -38.98 11.09
CA TYR B 163 -29.55 -38.22 11.24
C TYR B 163 -30.24 -38.06 9.89
N TYR B 164 -29.46 -37.79 8.84
CA TYR B 164 -29.98 -37.81 7.47
C TYR B 164 -30.63 -39.15 7.13
N ASN B 165 -29.96 -40.24 7.49
CA ASN B 165 -30.50 -41.60 7.29
C ASN B 165 -31.82 -41.80 8.02
N SER B 166 -31.92 -41.26 9.23
CA SER B 166 -33.16 -41.32 10.03
C SER B 166 -34.34 -40.68 9.31
N LEU B 167 -34.10 -39.56 8.64
CA LEU B 167 -35.14 -38.89 7.87
C LEU B 167 -35.38 -39.58 6.53
N ARG B 168 -34.30 -40.00 5.86
CA ARG B 168 -34.41 -40.80 4.61
C ARG B 168 -35.26 -42.07 4.82
N TRP B 169 -35.08 -42.70 5.98
CA TRP B 169 -35.86 -43.87 6.36
C TRP B 169 -37.36 -43.55 6.39
N ILE B 170 -37.71 -42.47 7.08
CA ILE B 170 -39.10 -41.99 7.17
C ILE B 170 -39.70 -41.68 5.79
N LEU B 171 -38.90 -41.10 4.90
CA LEU B 171 -39.33 -40.82 3.52
C LEU B 171 -39.77 -42.12 2.79
N GLU B 172 -39.06 -43.21 3.03
CA GLU B 172 -39.25 -44.47 2.30
C GLU B 172 -40.05 -45.55 3.06
N ASN B 173 -40.43 -45.29 4.32
CA ASN B 173 -41.06 -46.31 5.20
C ASN B 173 -42.19 -45.76 6.07
N ASP B 174 -42.97 -46.65 6.67
CA ASP B 174 -44.14 -46.26 7.47
C ASP B 174 -43.74 -45.83 8.89
N PRO B 175 -43.96 -44.54 9.25
CA PRO B 175 -43.55 -44.02 10.55
C PRO B 175 -44.48 -44.33 11.74
N THR B 176 -45.67 -44.89 11.48
CA THR B 176 -46.64 -45.24 12.53
C THR B 176 -46.01 -46.01 13.68
N GLU B 177 -45.13 -46.96 13.32
CA GLU B 177 -44.32 -47.73 14.28
C GLU B 177 -43.75 -46.90 15.45
N LEU B 178 -43.28 -45.69 15.15
CA LEU B 178 -42.40 -44.92 16.05
C LEU B 178 -43.10 -43.90 16.96
N ASP B 179 -44.43 -43.81 16.89
CA ASP B 179 -45.23 -42.85 17.69
C ASP B 179 -44.58 -41.45 17.87
N LEU B 180 -44.07 -40.90 16.77
CA LEU B 180 -43.46 -39.56 16.78
C LEU B 180 -44.51 -38.45 16.80
N ARG B 181 -44.05 -37.24 17.13
CA ARG B 181 -44.88 -36.04 17.10
C ARG B 181 -44.18 -34.96 16.27
N PHE B 182 -44.81 -33.80 16.13
CA PHE B 182 -44.19 -32.65 15.46
C PHE B 182 -43.45 -31.81 16.50
N ILE B 183 -42.47 -32.47 17.13
CA ILE B 183 -41.60 -31.86 18.13
C ILE B 183 -40.18 -32.34 17.91
N ILE B 184 -39.21 -31.47 18.21
CA ILE B 184 -37.82 -31.85 18.33
C ILE B 184 -37.35 -31.46 19.72
N ASP B 185 -36.76 -32.43 20.43
CA ASP B 185 -36.17 -32.17 21.73
C ASP B 185 -34.75 -31.66 21.55
N GLU B 186 -34.34 -30.71 22.40
CA GLU B 186 -33.00 -30.13 22.36
C GLU B 186 -32.46 -29.98 23.77
N GLU B 187 -31.17 -30.27 23.92
CA GLU B 187 -30.47 -30.10 25.18
C GLU B 187 -29.56 -28.88 25.09
N LEU B 188 -29.66 -27.99 26.08
CA LEU B 188 -28.86 -26.78 26.13
C LEU B 188 -28.61 -26.47 27.60
N PHE B 189 -27.32 -26.43 27.97
CA PHE B 189 -26.88 -26.19 29.35
C PHE B 189 -27.47 -27.22 30.32
N GLY B 190 -27.39 -28.48 29.95
CA GLY B 190 -27.82 -29.60 30.81
C GLY B 190 -29.31 -29.87 30.82
N GLN B 191 -30.12 -28.81 30.81
CA GLN B 191 -31.57 -28.91 30.66
C GLN B 191 -31.93 -29.45 29.27
N THR B 192 -33.07 -30.12 29.19
CA THR B 192 -33.64 -30.58 27.92
C THR B 192 -34.94 -29.82 27.66
N HIS B 193 -35.24 -29.59 26.38
CA HIS B 193 -36.41 -28.82 25.95
C HIS B 193 -37.02 -29.47 24.72
N GLN B 194 -38.34 -29.55 24.66
CA GLN B 194 -39.04 -29.84 23.40
C GLN B 194 -39.28 -28.52 22.66
N HIS B 195 -39.39 -28.62 21.33
CA HIS B 195 -39.75 -27.49 20.48
C HIS B 195 -40.78 -27.98 19.49
N GLU B 196 -41.95 -27.35 19.50
CA GLU B 196 -43.02 -27.71 18.57
C GLU B 196 -42.67 -27.16 17.20
N LEU B 197 -42.74 -28.01 16.19
CA LEU B 197 -42.36 -27.63 14.83
C LEU B 197 -43.40 -26.75 14.16
N LYS B 198 -44.65 -26.93 14.57
CA LYS B 198 -45.77 -26.08 14.17
C LYS B 198 -46.63 -25.83 15.39
N ASN B 199 -47.65 -25.00 15.25
CA ASN B 199 -48.60 -24.77 16.33
C ASN B 199 -49.21 -26.11 16.79
N GLY B 200 -49.16 -26.38 18.09
CA GLY B 200 -49.69 -27.61 18.71
C GLY B 200 -49.09 -28.91 18.19
N GLY B 201 -47.84 -28.86 17.76
CA GLY B 201 -47.15 -30.02 17.19
C GLY B 201 -46.98 -31.20 18.11
N SER B 202 -46.97 -30.94 19.42
CA SER B 202 -46.92 -31.99 20.45
C SER B 202 -48.12 -32.93 20.39
N GLU B 203 -49.29 -32.38 20.10
CA GLU B 203 -50.51 -33.18 19.89
C GLU B 203 -50.61 -33.86 18.51
N ILE B 204 -49.75 -33.51 17.56
CA ILE B 204 -49.86 -34.03 16.19
C ILE B 204 -48.97 -35.23 15.95
N VAL B 205 -49.58 -36.36 15.66
CA VAL B 205 -48.85 -37.59 15.30
C VAL B 205 -48.29 -37.44 13.89
N VAL B 206 -47.12 -38.02 13.66
CA VAL B 206 -46.52 -38.10 12.32
C VAL B 206 -46.95 -39.41 11.68
N THR B 207 -47.48 -39.30 10.46
CA THR B 207 -48.07 -40.42 9.72
C THR B 207 -47.61 -40.35 8.28
N ASN B 208 -47.97 -41.37 7.49
CA ASN B 208 -47.70 -41.35 6.04
C ASN B 208 -48.29 -40.13 5.36
N LYS B 209 -49.53 -39.79 5.72
CA LYS B 209 -50.24 -38.65 5.12
C LYS B 209 -49.54 -37.29 5.33
N ASN B 210 -48.78 -37.14 6.42
CA ASN B 210 -48.13 -35.84 6.72
C ASN B 210 -46.62 -35.86 7.00
N LYS B 211 -45.94 -36.93 6.61
CA LYS B 211 -44.50 -37.07 6.89
C LYS B 211 -43.60 -36.19 6.00
N LYS B 212 -43.96 -36.02 4.72
CA LYS B 212 -43.21 -35.10 3.85
C LYS B 212 -43.18 -33.68 4.45
N GLU B 213 -44.29 -33.28 5.08
CA GLU B 213 -44.32 -32.05 5.87
C GLU B 213 -43.46 -32.13 7.12
N TYR B 214 -43.47 -33.28 7.78
CA TYR B 214 -42.61 -33.50 8.93
C TYR B 214 -41.16 -33.27 8.52
N ILE B 215 -40.70 -34.03 7.52
CA ILE B 215 -39.29 -33.92 7.09
C ILE B 215 -38.94 -32.45 6.79
N TYR B 216 -39.72 -31.81 5.91
CA TYR B 216 -39.48 -30.41 5.54
C TYR B 216 -39.24 -29.53 6.77
N LEU B 217 -40.19 -29.56 7.70
CA LEU B 217 -40.13 -28.72 8.90
C LEU B 217 -38.91 -28.99 9.77
N VAL B 218 -38.52 -30.25 9.88
CA VAL B 218 -37.33 -30.64 10.66
C VAL B 218 -36.07 -30.02 10.06
N ILE B 219 -36.02 -29.92 8.73
CA ILE B 219 -34.89 -29.32 8.03
C ILE B 219 -34.79 -27.84 8.34
N GLN B 220 -35.90 -27.11 8.15
CA GLN B 220 -35.93 -25.67 8.46
C GLN B 220 -35.49 -25.43 9.91
N TRP B 221 -35.97 -26.25 10.84
CA TRP B 221 -35.58 -26.14 12.24
C TRP B 221 -34.11 -26.48 12.49
N ARG B 222 -33.59 -27.48 11.77
CA ARG B 222 -32.18 -27.85 11.90
C ARG B 222 -31.26 -26.74 11.40
N PHE B 223 -31.68 -26.02 10.35
CA PHE B 223 -30.77 -25.13 9.62
C PHE B 223 -31.17 -23.67 9.41
N VAL B 224 -32.45 -23.36 9.25
CA VAL B 224 -32.86 -21.99 8.85
C VAL B 224 -33.52 -21.16 9.96
N ASN B 225 -34.59 -21.69 10.56
CA ASN B 225 -35.54 -20.87 11.34
C ASN B 225 -34.93 -20.17 12.55
N ARG B 226 -34.00 -20.85 13.22
CA ARG B 226 -33.41 -20.38 14.47
C ARG B 226 -32.08 -19.63 14.30
N ILE B 227 -31.68 -19.34 13.06
CA ILE B 227 -30.48 -18.54 12.81
C ILE B 227 -30.67 -17.41 11.77
N GLN B 228 -31.91 -16.95 11.59
CA GLN B 228 -32.22 -15.88 10.63
C GLN B 228 -31.60 -14.56 11.09
N LYS B 229 -31.82 -14.23 12.36
CA LYS B 229 -31.31 -12.98 12.93
C LYS B 229 -29.78 -12.85 12.84
N GLN B 230 -29.09 -13.96 13.12
CA GLN B 230 -27.63 -13.99 13.13
C GLN B 230 -27.10 -13.90 11.71
N MET B 231 -27.59 -14.79 10.85
CA MET B 231 -27.20 -14.83 9.45
C MET B 231 -27.50 -13.51 8.75
N ALA B 232 -28.61 -12.87 9.12
CA ALA B 232 -28.94 -11.55 8.60
C ALA B 232 -27.84 -10.58 8.97
N ALA B 233 -27.52 -10.50 10.26
CA ALA B 233 -26.46 -9.62 10.77
C ALA B 233 -25.17 -9.86 10.00
N PHE B 234 -24.75 -11.11 9.91
CA PHE B 234 -23.56 -11.46 9.16
C PHE B 234 -23.64 -10.88 7.77
N LYS B 235 -24.72 -11.18 7.07
CA LYS B 235 -24.90 -10.74 5.69
C LYS B 235 -24.87 -9.22 5.56
N GLU B 236 -25.41 -8.53 6.55
CA GLU B 236 -25.37 -7.08 6.57
C GLU B 236 -23.92 -6.58 6.55
N GLY B 237 -23.10 -7.07 7.49
CA GLY B 237 -21.69 -6.70 7.55
C GLY B 237 -20.94 -7.06 6.28
N PHE B 238 -21.14 -8.27 5.80
CA PHE B 238 -20.48 -8.73 4.59
C PHE B 238 -20.77 -7.82 3.41
N PHE B 239 -22.05 -7.52 3.21
CA PHE B 239 -22.47 -6.68 2.07
C PHE B 239 -22.20 -5.19 2.23
N GLU B 240 -21.90 -4.75 3.45
CA GLU B 240 -21.31 -3.43 3.66
C GLU B 240 -20.00 -3.28 2.87
N LEU B 241 -19.26 -4.37 2.68
CA LEU B 241 -18.02 -4.38 1.90
C LEU B 241 -18.12 -4.96 0.51
N ILE B 242 -18.98 -5.96 0.30
CA ILE B 242 -19.15 -6.58 -1.02
C ILE B 242 -20.58 -6.31 -1.49
N PRO B 243 -20.76 -5.70 -2.67
CA PRO B 243 -22.14 -5.63 -3.17
C PRO B 243 -22.75 -7.03 -3.37
N GLN B 244 -24.01 -7.19 -2.95
CA GLN B 244 -24.73 -8.45 -3.08
C GLN B 244 -24.93 -8.87 -4.54
N ASP B 245 -25.05 -7.91 -5.44
CA ASP B 245 -25.17 -8.18 -6.86
C ASP B 245 -23.89 -8.83 -7.39
N LEU B 246 -22.74 -8.34 -6.95
CA LEU B 246 -21.45 -8.92 -7.33
C LEU B 246 -21.26 -10.35 -6.80
N ILE B 247 -21.75 -10.62 -5.59
CA ILE B 247 -21.66 -11.97 -5.02
C ILE B 247 -22.59 -12.97 -5.72
N LYS B 248 -23.67 -12.46 -6.34
CA LYS B 248 -24.68 -13.30 -7.03
C LYS B 248 -24.14 -14.16 -8.16
N ILE B 249 -23.08 -13.72 -8.84
CA ILE B 249 -22.46 -14.51 -9.92
C ILE B 249 -21.75 -15.79 -9.47
N PHE B 250 -21.40 -15.89 -8.19
CA PHE B 250 -20.83 -17.12 -7.64
C PHE B 250 -21.92 -18.03 -7.11
N ASP B 251 -21.63 -19.34 -7.14
CA ASP B 251 -22.48 -20.36 -6.54
C ASP B 251 -21.94 -20.69 -5.14
N GLU B 252 -22.61 -21.62 -4.47
CA GLU B 252 -22.25 -22.04 -3.09
C GLU B 252 -20.87 -22.71 -2.97
N ASN B 253 -20.42 -23.38 -4.03
CA ASN B 253 -19.11 -24.02 -4.05
C ASN B 253 -17.99 -23.01 -4.24
N GLU B 254 -18.17 -22.17 -5.26
CA GLU B 254 -17.27 -21.06 -5.56
C GLU B 254 -17.15 -20.12 -4.35
N LEU B 255 -18.28 -19.79 -3.74
CA LEU B 255 -18.33 -18.85 -2.63
C LEU B 255 -17.55 -19.28 -1.39
N GLU B 256 -17.35 -20.58 -1.20
CA GLU B 256 -16.38 -21.08 -0.20
C GLU B 256 -14.94 -20.82 -0.65
N LEU B 257 -14.67 -20.99 -1.94
CA LEU B 257 -13.36 -20.66 -2.51
C LEU B 257 -13.11 -19.14 -2.59
N LEU B 258 -14.17 -18.35 -2.74
CA LEU B 258 -14.06 -16.87 -2.77
C LEU B 258 -13.60 -16.29 -1.44
N MET B 259 -14.09 -16.83 -0.32
CA MET B 259 -13.85 -16.25 1.00
C MET B 259 -13.19 -17.13 2.06
N CYS B 260 -13.11 -18.44 1.84
CA CYS B 260 -12.49 -19.35 2.82
C CYS B 260 -11.29 -20.07 2.26
N GLY B 261 -10.44 -20.54 3.15
CA GLY B 261 -9.18 -21.16 2.77
C GLY B 261 -8.13 -21.04 3.85
N LEU B 262 -7.06 -21.80 3.67
CA LEU B 262 -6.01 -21.94 4.66
C LEU B 262 -4.98 -20.81 4.47
N GLY B 263 -4.51 -20.26 5.59
CA GLY B 263 -3.51 -19.16 5.56
C GLY B 263 -2.06 -19.59 5.48
N ASP B 264 -1.83 -20.84 5.03
CA ASP B 264 -0.49 -21.40 4.86
C ASP B 264 -0.67 -22.67 4.02
N VAL B 265 0.27 -22.94 3.12
CA VAL B 265 0.22 -24.15 2.30
C VAL B 265 0.92 -25.29 3.05
N ASP B 266 0.17 -26.36 3.33
CA ASP B 266 0.73 -27.56 3.95
C ASP B 266 1.78 -28.11 3.00
N VAL B 267 2.94 -28.45 3.56
CA VAL B 267 4.10 -28.85 2.75
C VAL B 267 4.06 -30.32 2.36
N ASN B 268 3.62 -31.18 3.29
CA ASN B 268 3.45 -32.62 3.01
C ASN B 268 2.46 -32.82 1.87
N ASP B 269 1.36 -32.06 1.91
CA ASP B 269 0.33 -32.09 0.86
C ASP B 269 0.89 -31.62 -0.47
N TRP B 270 1.67 -30.55 -0.42
CA TRP B 270 2.33 -30.00 -1.61
C TRP B 270 3.30 -31.02 -2.20
N ARG B 271 4.15 -31.58 -1.34
CA ARG B 271 5.12 -32.59 -1.75
C ARG B 271 4.45 -33.86 -2.28
N GLU B 272 3.34 -34.26 -1.64
CA GLU B 272 2.56 -35.44 -2.06
C GLU B 272 2.07 -35.38 -3.51
N HIS B 273 1.70 -34.17 -3.97
CA HIS B 273 1.08 -33.99 -5.28
C HIS B 273 1.97 -33.24 -6.28
N THR B 274 3.26 -33.56 -6.24
CA THR B 274 4.25 -32.91 -7.11
C THR B 274 4.90 -33.94 -8.04
N LYS B 275 5.02 -33.57 -9.32
CA LYS B 275 5.67 -34.40 -10.34
C LYS B 275 7.05 -33.83 -10.67
N TYR B 276 7.92 -34.66 -11.25
CA TYR B 276 9.29 -34.23 -11.59
C TYR B 276 9.66 -34.69 -12.99
N LYS B 277 10.44 -33.85 -13.69
CA LYS B 277 10.83 -34.09 -15.09
C LYS B 277 12.32 -33.84 -15.31
N ASN B 278 12.86 -34.54 -16.31
CA ASN B 278 14.22 -34.32 -16.81
C ASN B 278 15.32 -34.55 -15.76
N GLY B 279 15.23 -35.68 -15.06
CA GLY B 279 16.28 -36.10 -14.13
C GLY B 279 15.89 -35.98 -12.68
N TYR B 280 15.11 -34.95 -12.34
CA TYR B 280 14.68 -34.75 -10.96
C TYR B 280 13.70 -35.82 -10.49
N SER B 281 13.67 -35.96 -9.18
CA SER B 281 12.99 -37.06 -8.50
C SER B 281 12.91 -36.71 -7.02
N ALA B 282 11.93 -37.27 -6.31
CA ALA B 282 11.71 -36.94 -4.89
C ALA B 282 12.97 -36.96 -4.01
N ASN B 283 13.82 -37.96 -4.20
CA ASN B 283 15.06 -38.11 -3.42
C ASN B 283 16.33 -37.60 -4.14
N HIS B 284 16.16 -36.91 -5.26
CA HIS B 284 17.22 -36.15 -5.92
C HIS B 284 17.72 -35.07 -4.96
N GLN B 285 19.00 -34.72 -5.05
CA GLN B 285 19.58 -33.77 -4.08
C GLN B 285 18.98 -32.38 -4.18
N VAL B 286 18.88 -31.87 -5.40
CA VAL B 286 18.23 -30.58 -5.67
C VAL B 286 16.76 -30.55 -5.22
N ILE B 287 16.03 -31.65 -5.41
CA ILE B 287 14.64 -31.71 -4.93
C ILE B 287 14.61 -31.77 -3.41
N GLN B 288 15.55 -32.48 -2.80
CA GLN B 288 15.66 -32.48 -1.34
C GLN B 288 15.85 -31.07 -0.82
N TRP B 289 16.78 -30.32 -1.41
CA TRP B 289 17.01 -28.92 -1.06
C TRP B 289 15.81 -28.01 -1.33
N PHE B 290 15.11 -28.24 -2.44
CA PHE B 290 13.93 -27.46 -2.78
C PHE B 290 12.89 -27.51 -1.67
N TRP B 291 12.54 -28.71 -1.24
CA TRP B 291 11.52 -28.88 -0.20
C TRP B 291 12.00 -28.39 1.16
N LYS B 292 13.28 -28.57 1.45
CA LYS B 292 13.91 -27.97 2.63
C LYS B 292 13.63 -26.46 2.68
N ALA B 293 13.75 -25.79 1.53
CA ALA B 293 13.44 -24.38 1.41
C ALA B 293 11.98 -24.14 1.74
N VAL B 294 11.10 -24.82 1.01
CA VAL B 294 9.65 -24.63 1.19
C VAL B 294 9.26 -24.86 2.65
N LEU B 295 9.82 -25.91 3.26
CA LEU B 295 9.65 -26.19 4.68
C LEU B 295 10.11 -25.05 5.58
N MET B 296 11.28 -24.49 5.27
CA MET B 296 11.89 -23.41 6.08
C MET B 296 11.47 -21.99 5.69
N MET B 297 10.52 -21.87 4.78
CA MET B 297 9.82 -20.61 4.59
C MET B 297 8.81 -20.38 5.71
N ASP B 298 8.31 -19.15 5.78
CA ASP B 298 7.09 -18.84 6.49
C ASP B 298 5.91 -18.97 5.51
N SER B 299 4.70 -18.83 6.02
CA SER B 299 3.50 -18.92 5.19
C SER B 299 3.47 -17.86 4.08
N GLU B 300 3.96 -16.67 4.41
CA GLU B 300 3.98 -15.56 3.46
C GLU B 300 4.91 -15.85 2.27
N LYS B 301 6.11 -16.35 2.57
CA LYS B 301 7.04 -16.80 1.55
C LYS B 301 6.51 -18.00 0.74
N ARG B 302 5.81 -18.90 1.42
CA ARG B 302 5.16 -20.05 0.74
C ARG B 302 4.07 -19.62 -0.24
N ILE B 303 3.22 -18.69 0.18
CA ILE B 303 2.12 -18.20 -0.68
C ILE B 303 2.65 -17.39 -1.85
N ARG B 304 3.71 -16.60 -1.61
CA ARG B 304 4.36 -15.86 -2.70
C ARG B 304 4.97 -16.84 -3.73
N LEU B 305 5.51 -17.96 -3.26
CA LEU B 305 6.01 -19.02 -4.15
C LEU B 305 4.89 -19.69 -4.94
N LEU B 306 3.80 -20.02 -4.26
CA LEU B 306 2.64 -20.62 -4.92
C LEU B 306 2.14 -19.76 -6.08
N GLN B 307 1.97 -18.45 -5.82
CA GLN B 307 1.59 -17.47 -6.84
C GLN B 307 2.58 -17.45 -8.00
N PHE B 308 3.87 -17.46 -7.68
CA PHE B 308 4.95 -17.50 -8.70
C PHE B 308 4.77 -18.65 -9.70
N VAL B 309 4.36 -19.82 -9.20
CA VAL B 309 4.32 -21.05 -10.01
C VAL B 309 2.94 -21.38 -10.57
N THR B 310 1.91 -21.34 -9.74
CA THR B 310 0.55 -21.66 -10.20
C THR B 310 -0.16 -20.45 -10.83
N GLY B 311 0.03 -19.28 -10.24
CA GLY B 311 -0.67 -18.06 -10.65
C GLY B 311 -1.82 -17.68 -9.74
N THR B 312 -1.99 -18.40 -8.62
CA THR B 312 -3.01 -18.10 -7.63
C THR B 312 -2.44 -18.19 -6.21
N SER B 313 -3.23 -17.76 -5.25
CA SER B 313 -2.93 -17.91 -3.83
C SER B 313 -4.04 -18.66 -3.09
N ARG B 314 -4.92 -19.33 -3.83
CA ARG B 314 -6.12 -19.95 -3.24
C ARG B 314 -5.75 -21.34 -2.70
N VAL B 315 -5.75 -21.45 -1.36
CA VAL B 315 -5.59 -22.75 -0.70
C VAL B 315 -7.00 -23.27 -0.44
N PRO B 316 -7.38 -24.39 -1.08
CA PRO B 316 -8.79 -24.81 -1.05
C PRO B 316 -9.30 -25.42 0.27
N MET B 317 -8.41 -26.09 1.02
CA MET B 317 -8.79 -27.16 1.97
C MET B 317 -8.98 -28.45 1.15
N ASN B 318 -9.11 -29.59 1.84
CA ASN B 318 -9.07 -30.92 1.22
C ASN B 318 -7.69 -31.22 0.58
N GLY B 319 -7.53 -31.09 -0.75
CA GLY B 319 -6.33 -31.58 -1.43
C GLY B 319 -5.62 -30.65 -2.42
N PHE B 320 -4.35 -30.96 -2.67
CA PHE B 320 -3.63 -30.51 -3.88
C PHE B 320 -4.03 -31.36 -5.09
N ALA B 321 -4.65 -32.51 -4.86
CA ALA B 321 -5.33 -33.29 -5.91
C ALA B 321 -6.39 -32.45 -6.64
N GLU B 322 -7.17 -31.69 -5.87
CA GLU B 322 -8.14 -30.72 -6.41
C GLU B 322 -7.41 -29.45 -6.87
N LEU B 323 -6.74 -29.54 -8.02
CA LEU B 323 -5.97 -28.45 -8.62
C LEU B 323 -6.03 -28.53 -10.13
N TYR B 324 -7.01 -27.84 -10.73
CA TYR B 324 -7.27 -27.90 -12.17
C TYR B 324 -6.40 -26.91 -12.94
N PRO B 329 -6.83 -30.53 -16.18
CA PRO B 329 -6.38 -30.77 -14.80
C PRO B 329 -4.87 -31.03 -14.72
N GLN B 330 -4.16 -30.18 -13.98
CA GLN B 330 -2.70 -30.25 -13.89
C GLN B 330 -2.19 -30.01 -12.46
N SER B 331 -1.38 -30.95 -11.96
CA SER B 331 -0.76 -30.85 -10.64
C SER B 331 0.62 -30.17 -10.73
N PHE B 332 1.19 -29.87 -9.57
CA PHE B 332 2.48 -29.17 -9.45
C PHE B 332 3.65 -30.00 -10.00
N THR B 333 4.53 -29.38 -10.78
CA THR B 333 5.65 -30.09 -11.43
C THR B 333 6.95 -29.29 -11.32
N VAL B 334 8.06 -30.01 -11.16
CA VAL B 334 9.38 -29.38 -11.06
C VAL B 334 10.33 -30.04 -12.06
N GLU B 335 10.75 -29.27 -13.06
CA GLU B 335 11.61 -29.75 -14.15
C GLU B 335 12.99 -29.10 -14.09
N GLN B 336 14.01 -29.83 -14.54
CA GLN B 336 15.37 -29.28 -14.65
C GLN B 336 15.52 -28.47 -15.94
N TRP B 337 15.75 -27.15 -15.80
CA TRP B 337 16.08 -26.28 -16.94
C TRP B 337 17.22 -25.34 -16.57
N GLY B 338 18.24 -25.28 -17.43
CA GLY B 338 19.21 -24.19 -17.39
C GLY B 338 20.47 -24.57 -16.65
N THR B 339 21.22 -23.54 -16.24
CA THR B 339 22.45 -23.72 -15.47
C THR B 339 22.38 -22.88 -14.20
N PRO B 340 23.25 -23.18 -13.20
CA PRO B 340 23.25 -22.42 -11.94
C PRO B 340 23.31 -20.90 -12.06
N GLU B 341 23.89 -20.37 -13.14
CA GLU B 341 23.91 -18.91 -13.36
C GLU B 341 22.53 -18.35 -13.73
N LYS B 342 21.69 -19.16 -14.36
CA LYS B 342 20.29 -18.81 -14.60
C LYS B 342 19.47 -18.91 -13.30
N LEU B 343 18.62 -17.91 -13.07
CA LEU B 343 17.60 -17.99 -12.02
C LEU B 343 16.49 -18.92 -12.51
N PRO B 344 15.69 -19.48 -11.58
CA PRO B 344 14.60 -20.35 -12.02
C PRO B 344 13.41 -19.56 -12.51
N ARG B 345 12.64 -20.13 -13.43
CA ARG B 345 11.43 -19.50 -13.95
C ARG B 345 10.23 -20.43 -13.91
N ALA B 346 9.04 -19.83 -13.94
CA ALA B 346 7.79 -20.57 -13.81
C ALA B 346 6.95 -20.52 -15.09
N HIS B 347 5.95 -21.40 -15.13
CA HIS B 347 4.94 -21.40 -16.17
C HIS B 347 3.59 -21.66 -15.50
N THR B 348 2.89 -20.59 -15.13
CA THR B 348 1.55 -20.67 -14.53
C THR B 348 0.56 -21.44 -15.42
N CYS B 349 0.78 -21.37 -16.73
CA CYS B 349 0.09 -22.21 -17.72
C CYS B 349 0.10 -23.69 -17.34
N PHE B 350 1.30 -24.22 -17.11
CA PHE B 350 1.51 -25.64 -16.86
C PHE B 350 1.65 -26.01 -15.37
N ASN B 351 1.54 -25.03 -14.46
CA ASN B 351 1.80 -25.23 -13.02
C ASN B 351 3.18 -25.87 -12.81
N ARG B 352 4.20 -25.30 -13.47
CA ARG B 352 5.52 -25.92 -13.56
C ARG B 352 6.64 -24.93 -13.22
N LEU B 353 7.59 -25.40 -12.40
CA LEU B 353 8.79 -24.64 -12.04
C LEU B 353 10.00 -25.22 -12.75
N ASP B 354 10.73 -24.38 -13.47
CA ASP B 354 11.95 -24.78 -14.16
C ASP B 354 13.16 -24.39 -13.31
N LEU B 355 13.78 -25.40 -12.70
CA LEU B 355 14.80 -25.22 -11.66
C LEU B 355 16.16 -25.74 -12.14
N PRO B 356 17.16 -24.85 -12.29
CA PRO B 356 18.51 -25.34 -12.65
C PRO B 356 19.16 -26.14 -11.52
N PRO B 357 20.10 -27.04 -11.86
CA PRO B 357 20.70 -27.91 -10.85
C PRO B 357 21.79 -27.19 -10.06
N TYR B 358 21.41 -26.62 -8.91
CA TYR B 358 22.29 -25.73 -8.16
C TYR B 358 23.33 -26.48 -7.34
N GLU B 359 24.37 -25.75 -6.96
CA GLU B 359 25.50 -26.28 -6.22
C GLU B 359 25.14 -26.54 -4.75
N SER B 360 24.35 -25.64 -4.16
CA SER B 360 24.01 -25.73 -2.75
C SER B 360 22.54 -25.41 -2.46
N PHE B 361 22.15 -25.70 -1.22
CA PHE B 361 20.88 -25.27 -0.67
C PHE B 361 20.72 -23.75 -0.74
N GLU B 362 21.73 -23.03 -0.27
CA GLU B 362 21.65 -21.57 -0.13
C GLU B 362 21.58 -20.86 -1.50
N GLU B 363 22.29 -21.41 -2.49
CA GLU B 363 22.18 -20.92 -3.87
C GLU B 363 20.73 -21.02 -4.33
N LEU B 364 20.17 -22.23 -4.19
CA LEU B 364 18.76 -22.48 -4.55
C LEU B 364 17.80 -21.55 -3.82
N TRP B 365 18.03 -21.36 -2.52
CA TRP B 365 17.23 -20.43 -1.74
C TRP B 365 17.30 -19.00 -2.28
N ASP B 366 18.51 -18.53 -2.58
CA ASP B 366 18.69 -17.15 -3.04
C ASP B 366 18.16 -16.96 -4.45
N LYS B 367 18.67 -17.75 -5.39
CA LYS B 367 18.25 -17.65 -6.79
C LYS B 367 16.72 -17.72 -6.95
N LEU B 368 16.08 -18.60 -6.18
CA LEU B 368 14.62 -18.72 -6.20
C LEU B 368 13.93 -17.49 -5.63
N GLN B 369 14.39 -17.03 -4.48
CA GLN B 369 13.81 -15.84 -3.84
C GLN B 369 13.89 -14.60 -4.71
N MET B 370 15.00 -14.45 -5.43
CA MET B 370 15.16 -13.32 -6.34
C MET B 370 14.13 -13.42 -7.47
N ALA B 371 14.08 -14.57 -8.13
CA ALA B 371 13.11 -14.83 -9.21
C ALA B 371 11.67 -14.48 -8.83
N ILE B 372 11.29 -14.74 -7.58
CA ILE B 372 9.96 -14.39 -7.08
C ILE B 372 9.84 -12.88 -6.91
N GLU B 373 10.86 -12.26 -6.32
CA GLU B 373 10.90 -10.80 -6.17
C GLU B 373 10.88 -10.07 -7.54
N ASN B 374 11.42 -10.71 -8.58
CA ASN B 374 11.34 -10.18 -9.95
C ASN B 374 9.93 -10.14 -10.56
N THR B 375 9.01 -10.94 -10.01
CA THR B 375 7.60 -10.87 -10.41
C THR B 375 6.78 -9.91 -9.54
N GLN B 376 7.30 -9.57 -8.36
CA GLN B 376 6.72 -8.49 -7.54
C GLN B 376 6.81 -7.12 -8.23
N GLY B 377 7.76 -6.96 -9.16
CA GLY B 377 7.80 -5.78 -10.02
C GLY B 377 6.58 -5.68 -10.92
N PHE B 378 6.11 -6.83 -11.42
CA PHE B 378 4.86 -6.92 -12.20
C PHE B 378 3.71 -7.22 -11.24
N HIS C 3 20.92 -3.82 -7.65
CA HIS C 3 20.48 -3.55 -6.24
C HIS C 3 20.81 -4.77 -5.35
N HIS C 4 19.95 -5.15 -4.39
CA HIS C 4 20.18 -6.36 -3.59
C HIS C 4 20.46 -7.59 -4.48
N HIS C 5 19.70 -7.73 -5.57
CA HIS C 5 19.83 -8.87 -6.48
C HIS C 5 21.21 -8.96 -7.13
N HIS C 6 21.66 -7.84 -7.66
CA HIS C 6 22.99 -7.75 -8.28
C HIS C 6 24.08 -8.22 -7.32
N HIS C 7 24.00 -7.78 -6.06
CA HIS C 7 24.98 -8.18 -5.04
C HIS C 7 24.89 -9.68 -4.74
N VAL C 8 23.69 -10.16 -4.44
CA VAL C 8 23.51 -11.57 -4.10
C VAL C 8 23.99 -12.50 -5.22
N THR C 9 23.61 -12.21 -6.46
CA THR C 9 24.03 -13.03 -7.61
C THR C 9 25.56 -13.15 -7.73
N SER C 10 26.29 -12.10 -7.39
CA SER C 10 27.76 -12.10 -7.50
C SER C 10 28.41 -13.10 -6.53
N LEU C 11 27.88 -13.20 -5.31
CA LEU C 11 28.35 -14.18 -4.33
C LEU C 11 28.43 -15.62 -4.85
N TYR C 12 27.51 -16.00 -5.74
CA TYR C 12 27.50 -17.36 -6.31
C TYR C 12 28.22 -17.50 -7.65
N LYS C 13 28.85 -16.42 -8.14
CA LYS C 13 29.55 -16.44 -9.44
C LYS C 13 30.86 -17.24 -9.35
N LYS C 14 31.12 -18.07 -10.35
CA LYS C 14 32.39 -18.81 -10.44
C LYS C 14 33.59 -17.88 -10.71
N ALA C 15 33.34 -16.75 -11.38
CA ALA C 15 34.30 -15.65 -11.58
C ALA C 15 35.40 -16.00 -12.59
N GLN C 20 37.80 -4.49 -11.58
CA GLN C 20 37.20 -3.33 -10.93
C GLN C 20 37.44 -2.07 -11.78
N ILE C 21 36.35 -1.44 -12.22
CA ILE C 21 36.39 -0.12 -12.88
C ILE C 21 35.26 0.75 -12.31
N PHE C 22 35.38 2.07 -12.49
CA PHE C 22 34.35 3.02 -12.06
C PHE C 22 33.72 3.71 -13.27
N VAL C 23 32.43 4.02 -13.16
CA VAL C 23 31.71 4.81 -14.18
C VAL C 23 30.81 5.84 -13.48
N LYS C 24 31.06 7.12 -13.77
CA LYS C 24 30.37 8.23 -13.09
C LYS C 24 29.26 8.81 -13.96
N THR C 25 28.29 9.44 -13.28
CA THR C 25 27.20 10.16 -13.95
C THR C 25 27.26 11.62 -13.55
N LEU C 26 26.56 12.46 -14.30
CA LEU C 26 26.49 13.89 -13.98
C LEU C 26 25.62 14.19 -12.74
N ALA C 27 24.96 13.16 -12.19
CA ALA C 27 24.12 13.30 -10.99
C ALA C 27 24.91 13.36 -9.67
N GLY C 28 26.09 12.76 -9.62
CA GLY C 28 26.88 12.70 -8.39
C GLY C 28 27.30 11.28 -8.09
N TRP C 29 26.32 10.39 -8.04
CA TRP C 29 26.58 8.96 -7.90
C TRP C 29 27.24 8.38 -9.14
N GLY C 30 27.97 7.29 -8.94
CA GLY C 30 28.61 6.55 -10.02
C GLY C 30 28.78 5.11 -9.58
N ILE C 31 28.31 4.18 -10.38
CA ILE C 31 28.44 2.76 -10.04
C ILE C 31 29.81 2.26 -10.43
N THR C 32 30.16 1.12 -9.86
CA THR C 32 31.44 0.46 -10.14
C THR C 32 31.15 -0.95 -10.64
N LEU C 33 31.67 -1.26 -11.82
CA LEU C 33 31.41 -2.54 -12.48
C LEU C 33 32.63 -3.45 -12.41
N GLU C 34 32.39 -4.74 -12.59
CA GLU C 34 33.47 -5.74 -12.72
C GLU C 34 33.32 -6.44 -14.07
N VAL C 35 34.37 -6.38 -14.88
CA VAL C 35 34.35 -6.93 -16.24
C VAL C 35 35.75 -7.32 -16.70
N GLU C 36 35.81 -8.09 -17.79
CA GLU C 36 37.06 -8.42 -18.48
C GLU C 36 37.08 -7.67 -19.83
N PRO C 37 38.25 -7.12 -20.23
CA PRO C 37 38.33 -6.26 -21.43
C PRO C 37 38.00 -6.88 -22.80
N SER C 38 37.72 -8.19 -22.82
CA SER C 38 37.09 -8.83 -23.99
C SER C 38 35.72 -8.26 -24.38
N ASP C 39 35.00 -7.66 -23.42
CA ASP C 39 33.63 -7.14 -23.65
C ASP C 39 33.56 -6.02 -24.70
N THR C 40 32.43 -5.96 -25.40
CA THR C 40 32.11 -4.87 -26.33
C THR C 40 31.42 -3.74 -25.54
N ILE C 41 30.93 -2.70 -26.24
CA ILE C 41 30.12 -1.66 -25.59
C ILE C 41 28.70 -2.14 -25.27
N GLU C 42 28.11 -2.89 -26.20
CA GLU C 42 26.69 -3.30 -26.12
C GLU C 42 26.36 -4.05 -24.83
N ASN C 43 27.14 -5.08 -24.53
CA ASN C 43 26.93 -5.92 -23.35
C ASN C 43 27.23 -5.23 -22.00
N VAL C 44 28.11 -4.23 -22.01
CA VAL C 44 28.40 -3.45 -20.80
C VAL C 44 27.20 -2.57 -20.43
N LYS C 45 26.49 -2.08 -21.43
CA LYS C 45 25.22 -1.38 -21.21
C LYS C 45 24.22 -2.25 -20.46
N ALA C 46 24.19 -3.55 -20.80
CA ALA C 46 23.40 -4.52 -20.06
C ALA C 46 23.85 -4.65 -18.60
N LYS C 47 25.16 -4.73 -18.39
CA LYS C 47 25.70 -4.77 -17.01
C LYS C 47 25.15 -3.60 -16.18
N ILE C 48 25.00 -2.42 -16.81
CA ILE C 48 24.35 -1.25 -16.18
C ILE C 48 22.85 -1.44 -16.02
N GLN C 49 22.19 -2.01 -17.04
CA GLN C 49 20.78 -2.45 -16.94
C GLN C 49 20.57 -3.29 -15.67
N ASP C 50 21.52 -4.18 -15.38
CA ASP C 50 21.41 -5.08 -14.23
C ASP C 50 21.60 -4.36 -12.89
N LYS C 51 22.69 -3.59 -12.77
CA LYS C 51 23.05 -2.96 -11.49
C LYS C 51 22.11 -1.84 -11.07
N GLU C 52 21.70 -0.99 -12.02
CA GLU C 52 20.90 0.19 -11.70
C GLU C 52 19.54 0.30 -12.39
N GLY C 53 19.20 -0.64 -13.28
CA GLY C 53 17.90 -0.62 -13.94
C GLY C 53 17.74 0.50 -14.97
N ILE C 54 18.75 0.67 -15.83
CA ILE C 54 18.70 1.65 -16.95
C ILE C 54 18.85 0.90 -18.29
N PRO C 55 17.87 1.08 -19.21
CA PRO C 55 17.93 0.34 -20.48
C PRO C 55 19.18 0.64 -21.28
N PRO C 56 19.69 -0.33 -22.07
CA PRO C 56 20.93 -0.12 -22.83
C PRO C 56 20.81 0.98 -23.90
N ASP C 57 19.61 1.14 -24.46
CA ASP C 57 19.28 2.25 -25.35
C ASP C 57 19.49 3.61 -24.70
N GLN C 58 19.20 3.71 -23.41
CA GLN C 58 19.09 4.99 -22.70
C GLN C 58 20.42 5.48 -22.10
N GLN C 59 21.54 5.10 -22.73
CA GLN C 59 22.89 5.39 -22.21
C GLN C 59 23.83 5.89 -23.31
N ARG C 60 24.73 6.79 -22.93
CA ARG C 60 25.91 7.12 -23.75
C ARG C 60 27.14 6.89 -22.87
N LEU C 61 28.09 6.09 -23.36
CA LEU C 61 29.33 5.80 -22.63
C LEU C 61 30.52 6.55 -23.26
N ILE C 62 31.31 7.23 -22.43
CA ILE C 62 32.37 8.13 -22.89
C ILE C 62 33.64 7.91 -22.07
N PHE C 63 34.71 7.45 -22.72
CA PHE C 63 36.04 7.37 -22.09
C PHE C 63 36.99 8.36 -22.77
N ALA C 64 37.81 9.02 -21.96
CA ALA C 64 38.77 10.04 -22.43
C ALA C 64 38.09 11.20 -23.17
N GLY C 65 36.88 11.54 -22.75
CA GLY C 65 36.04 12.53 -23.43
C GLY C 65 35.69 12.21 -24.88
N LYS C 66 35.59 10.93 -25.22
CA LYS C 66 35.29 10.48 -26.58
C LYS C 66 34.15 9.45 -26.54
N GLN C 67 33.09 9.69 -27.32
CA GLN C 67 31.87 8.84 -27.26
C GLN C 67 32.13 7.47 -27.89
N LEU C 68 31.79 6.42 -27.16
CA LEU C 68 32.28 5.05 -27.42
C LEU C 68 31.41 4.25 -28.40
N GLU C 69 32.07 3.40 -29.19
CA GLU C 69 31.47 2.67 -30.31
C GLU C 69 31.11 1.23 -29.91
N ASP C 70 30.06 0.69 -30.52
CA ASP C 70 29.54 -0.64 -30.19
C ASP C 70 30.39 -1.81 -30.69
N GLY C 71 30.90 -1.70 -31.91
CA GLY C 71 31.75 -2.73 -32.51
C GLY C 71 33.03 -3.02 -31.76
N ARG C 72 33.71 -1.97 -31.30
CA ARG C 72 34.99 -2.09 -30.61
C ARG C 72 34.86 -2.66 -29.20
N THR C 73 35.95 -3.23 -28.71
CA THR C 73 36.06 -3.76 -27.35
C THR C 73 36.74 -2.76 -26.42
N LEU C 74 36.80 -3.12 -25.13
CA LEU C 74 37.45 -2.27 -24.11
C LEU C 74 38.95 -2.09 -24.34
N SER C 75 39.61 -3.17 -24.76
CA SER C 75 41.04 -3.10 -25.16
C SER C 75 41.25 -2.25 -26.41
N ASP C 76 40.31 -2.31 -27.36
CA ASP C 76 40.36 -1.47 -28.58
C ASP C 76 40.23 0.04 -28.29
N TYR C 77 39.60 0.39 -27.15
CA TYR C 77 39.55 1.78 -26.67
C TYR C 77 40.50 2.02 -25.46
N ASN C 78 41.59 1.25 -25.40
CA ASN C 78 42.65 1.37 -24.38
C ASN C 78 42.20 1.70 -22.95
N ILE C 79 41.15 1.02 -22.47
CA ILE C 79 40.70 1.15 -21.07
C ILE C 79 41.46 0.14 -20.19
N ARG C 80 41.81 0.57 -18.98
CA ARG C 80 42.57 -0.23 -18.02
C ARG C 80 41.78 -0.38 -16.71
N TYR C 81 42.32 -1.19 -15.79
CA TYR C 81 41.81 -1.29 -14.42
C TYR C 81 41.68 0.11 -13.79
N ASP C 82 40.52 0.37 -13.20
CA ASP C 82 40.16 1.69 -12.65
C ASP C 82 40.17 2.85 -13.68
N SER C 83 39.82 2.55 -14.94
CA SER C 83 39.56 3.59 -15.95
C SER C 83 38.22 4.26 -15.67
N GLN C 84 38.24 5.54 -15.30
CA GLN C 84 37.02 6.29 -15.01
C GLN C 84 36.23 6.52 -16.29
N LEU C 85 34.99 6.03 -16.33
CA LEU C 85 34.06 6.24 -17.44
C LEU C 85 32.94 7.22 -17.09
N HIS C 86 32.20 7.62 -18.12
CA HIS C 86 31.18 8.66 -17.98
C HIS C 86 29.88 8.25 -18.66
N LEU C 87 28.80 8.30 -17.87
CA LEU C 87 27.46 7.90 -18.30
C LEU C 87 26.51 9.09 -18.34
N VAL C 88 25.96 9.34 -19.53
CA VAL C 88 24.96 10.38 -19.72
C VAL C 88 23.81 9.81 -20.55
N GLY C 89 22.58 10.23 -20.23
CA GLY C 89 21.39 9.66 -20.88
C GLY C 89 21.20 10.05 -22.33
N ARG C 90 20.76 9.10 -23.15
CA ARG C 90 20.51 9.35 -24.57
C ARG C 90 19.21 10.15 -24.73
N LEU C 91 19.16 10.96 -25.79
CA LEU C 91 17.98 11.73 -26.16
C LEU C 91 17.93 11.87 -27.68
N HIS D 3 -2.13 -26.28 33.36
CA HIS D 3 -1.28 -27.15 32.47
C HIS D 3 -0.34 -28.03 33.35
N HIS D 4 0.90 -28.27 32.92
N HIS D 4 0.90 -28.26 32.95
CA HIS D 4 1.86 -29.00 33.77
CA HIS D 4 1.83 -29.03 33.78
C HIS D 4 1.97 -28.40 35.16
C HIS D 4 2.06 -28.41 35.16
N HIS D 5 1.98 -27.07 35.25
CA HIS D 5 2.10 -26.36 36.54
C HIS D 5 0.96 -26.64 37.50
N HIS D 6 -0.26 -26.53 36.98
CA HIS D 6 -1.47 -26.82 37.75
C HIS D 6 -1.42 -28.22 38.37
N HIS D 7 -0.99 -29.20 37.59
CA HIS D 7 -0.87 -30.58 38.07
C HIS D 7 0.21 -30.71 39.14
N VAL D 8 1.41 -30.23 38.85
CA VAL D 8 2.53 -30.33 39.79
C VAL D 8 2.21 -29.65 41.14
N THR D 9 1.65 -28.44 41.10
CA THR D 9 1.28 -27.73 42.33
C THR D 9 0.33 -28.53 43.24
N SER D 10 -0.60 -29.28 42.62
CA SER D 10 -1.58 -30.07 43.39
C SER D 10 -0.93 -31.18 44.22
N LEU D 11 0.08 -31.84 43.66
CA LEU D 11 0.85 -32.87 44.37
C LEU D 11 1.37 -32.43 45.74
N TYR D 12 1.74 -31.15 45.87
CA TYR D 12 2.27 -30.61 47.14
C TYR D 12 1.22 -29.95 48.03
N LYS D 13 -0.06 -29.99 47.64
CA LYS D 13 -1.13 -29.35 48.41
C LYS D 13 -1.44 -30.14 49.68
N LYS D 14 -1.61 -29.44 50.80
CA LYS D 14 -2.02 -30.07 52.07
C LYS D 14 -3.45 -30.62 52.02
N ALA D 15 -4.31 -30.00 51.20
CA ALA D 15 -5.68 -30.47 50.89
C ALA D 15 -6.65 -30.27 52.05
N GLN D 20 -14.50 -33.06 43.58
CA GLN D 20 -14.46 -33.29 42.14
C GLN D 20 -15.77 -32.83 41.51
N ILE D 21 -15.68 -31.86 40.59
CA ILE D 21 -16.81 -31.42 39.74
C ILE D 21 -16.32 -31.26 38.29
N PHE D 22 -17.26 -31.26 37.35
CA PHE D 22 -16.93 -31.05 35.92
C PHE D 22 -17.55 -29.75 35.43
N VAL D 23 -16.86 -29.09 34.50
CA VAL D 23 -17.38 -27.89 33.82
C VAL D 23 -17.05 -27.98 32.31
N LYS D 24 -18.11 -27.96 31.49
CA LYS D 24 -17.99 -28.17 30.05
C LYS D 24 -18.06 -26.85 29.28
N THR D 25 -17.47 -26.85 28.08
CA THR D 25 -17.53 -25.72 27.17
C THR D 25 -18.24 -26.16 25.88
N LEU D 26 -18.66 -25.18 25.09
CA LEU D 26 -19.29 -25.48 23.79
C LEU D 26 -18.29 -25.97 22.74
N ALA D 27 -16.99 -25.97 23.07
CA ALA D 27 -15.94 -26.45 22.17
C ALA D 27 -15.81 -27.99 22.10
N GLY D 28 -16.18 -28.69 23.17
CA GLY D 28 -16.03 -30.15 23.22
C GLY D 28 -15.31 -30.57 24.49
N TRP D 29 -14.14 -29.98 24.70
CA TRP D 29 -13.39 -30.17 25.95
C TRP D 29 -14.09 -29.52 27.13
N GLY D 30 -13.82 -30.05 28.31
CA GLY D 30 -14.34 -29.51 29.57
C GLY D 30 -13.38 -29.90 30.68
N ILE D 31 -12.93 -28.92 31.45
CA ILE D 31 -12.01 -29.20 32.55
C ILE D 31 -12.79 -29.66 33.76
N THR D 32 -12.05 -30.25 34.70
CA THR D 32 -12.62 -30.75 35.95
C THR D 32 -11.86 -30.11 37.10
N LEU D 33 -12.61 -29.43 37.98
CA LEU D 33 -12.03 -28.67 39.09
C LEU D 33 -12.24 -29.41 40.41
N GLU D 34 -11.43 -29.04 41.41
CA GLU D 34 -11.60 -29.51 42.79
C GLU D 34 -11.78 -28.30 43.69
N VAL D 35 -12.89 -28.26 44.43
CA VAL D 35 -13.24 -27.12 45.28
C VAL D 35 -14.12 -27.54 46.46
N GLU D 36 -14.25 -26.64 47.43
CA GLU D 36 -15.20 -26.80 48.54
C GLU D 36 -16.33 -25.76 48.37
N PRO D 37 -17.60 -26.15 48.62
CA PRO D 37 -18.77 -25.28 48.33
C PRO D 37 -18.87 -23.95 49.09
N SER D 38 -17.93 -23.68 50.00
CA SER D 38 -17.76 -22.34 50.57
C SER D 38 -17.40 -21.25 49.54
N ASP D 39 -16.82 -21.64 48.39
CA ASP D 39 -16.38 -20.69 47.37
C ASP D 39 -17.51 -19.86 46.74
N THR D 40 -17.18 -18.63 46.34
CA THR D 40 -18.08 -17.76 45.56
C THR D 40 -17.90 -18.05 44.07
N ILE D 41 -18.55 -17.27 43.21
CA ILE D 41 -18.31 -17.37 41.75
C ILE D 41 -16.97 -16.77 41.33
N GLU D 42 -16.62 -15.63 41.92
CA GLU D 42 -15.44 -14.84 41.52
C GLU D 42 -14.15 -15.65 41.57
N ASN D 43 -13.89 -16.29 42.71
CA ASN D 43 -12.66 -17.08 42.91
C ASN D 43 -12.58 -18.39 42.10
N VAL D 44 -13.73 -18.95 41.73
CA VAL D 44 -13.76 -20.15 40.88
C VAL D 44 -13.34 -19.80 39.46
N LYS D 45 -13.67 -18.59 39.01
CA LYS D 45 -13.17 -18.07 37.74
C LYS D 45 -11.63 -18.03 37.72
N ALA D 46 -11.04 -17.67 38.86
CA ALA D 46 -9.58 -17.74 39.02
C ALA D 46 -9.07 -19.17 38.89
N LYS D 47 -9.74 -20.12 39.56
CA LYS D 47 -9.37 -21.53 39.42
C LYS D 47 -9.29 -21.95 37.95
N ILE D 48 -10.20 -21.42 37.13
CA ILE D 48 -10.16 -21.61 35.66
C ILE D 48 -9.00 -20.85 34.99
N GLN D 49 -8.77 -19.61 35.45
CA GLN D 49 -7.57 -18.83 35.08
C GLN D 49 -6.31 -19.68 35.25
N ASP D 50 -6.23 -20.42 36.36
CA ASP D 50 -5.06 -21.24 36.67
C ASP D 50 -4.93 -22.47 35.77
N LYS D 51 -6.00 -23.25 35.65
CA LYS D 51 -5.95 -24.53 34.93
C LYS D 51 -5.80 -24.37 33.41
N GLU D 52 -6.52 -23.42 32.83
CA GLU D 52 -6.57 -23.27 31.37
C GLU D 52 -6.11 -21.92 30.81
N GLY D 53 -5.78 -20.95 31.68
CA GLY D 53 -5.31 -19.64 31.22
C GLY D 53 -6.38 -18.79 30.56
N ILE D 54 -7.56 -18.70 31.18
CA ILE D 54 -8.66 -17.83 30.72
C ILE D 54 -8.99 -16.79 31.81
N PRO D 55 -8.95 -15.47 31.45
CA PRO D 55 -9.19 -14.44 32.48
C PRO D 55 -10.56 -14.55 33.11
N PRO D 56 -10.70 -14.17 34.40
CA PRO D 56 -12.01 -14.29 35.09
C PRO D 56 -13.10 -13.41 34.47
N ASP D 57 -12.72 -12.27 33.92
CA ASP D 57 -13.62 -11.42 33.13
C ASP D 57 -14.22 -12.14 31.93
N GLN D 58 -13.43 -13.02 31.31
CA GLN D 58 -13.76 -13.60 30.00
C GLN D 58 -14.60 -14.89 30.08
N GLN D 59 -15.40 -15.02 31.13
CA GLN D 59 -16.16 -16.25 31.43
C GLN D 59 -17.60 -15.95 31.83
N ARG D 60 -18.51 -16.83 31.44
CA ARG D 60 -19.86 -16.89 32.02
C ARG D 60 -20.07 -18.30 32.54
N LEU D 61 -20.46 -18.43 33.82
CA LEU D 61 -20.70 -19.72 34.44
C LEU D 61 -22.21 -19.96 34.63
N ILE D 62 -22.69 -21.13 34.22
CA ILE D 62 -24.12 -21.43 34.16
C ILE D 62 -24.39 -22.84 34.72
N PHE D 63 -25.13 -22.92 35.83
CA PHE D 63 -25.62 -24.19 36.36
C PHE D 63 -27.13 -24.25 36.25
N ALA D 64 -27.64 -25.43 35.87
CA ALA D 64 -29.08 -25.67 35.68
C ALA D 64 -29.70 -24.74 34.63
N GLY D 65 -28.92 -24.38 33.62
CA GLY D 65 -29.31 -23.41 32.61
C GLY D 65 -29.63 -22.01 33.14
N LYS D 66 -28.99 -21.60 34.24
CA LYS D 66 -29.22 -20.30 34.86
C LYS D 66 -27.87 -19.61 35.11
N GLN D 67 -27.73 -18.37 34.62
CA GLN D 67 -26.43 -17.65 34.68
C GLN D 67 -26.11 -17.20 36.10
N LEU D 68 -24.90 -17.54 36.56
CA LEU D 68 -24.56 -17.53 37.98
C LEU D 68 -24.01 -16.19 38.48
N GLU D 69 -24.34 -15.89 39.74
CA GLU D 69 -24.08 -14.57 40.37
C GLU D 69 -22.80 -14.61 41.22
N ASP D 70 -22.12 -13.47 41.32
CA ASP D 70 -20.84 -13.37 42.03
C ASP D 70 -20.97 -13.40 43.57
N GLY D 71 -21.96 -12.71 44.10
CA GLY D 71 -22.19 -12.66 45.55
C GLY D 71 -22.48 -14.02 46.20
N ARG D 72 -23.30 -14.83 45.54
CA ARG D 72 -23.70 -16.14 46.07
C ARG D 72 -22.58 -17.18 46.02
N THR D 73 -22.68 -18.18 46.88
CA THR D 73 -21.75 -19.31 46.96
C THR D 73 -22.29 -20.53 46.20
N LEU D 74 -21.48 -21.59 46.13
CA LEU D 74 -21.87 -22.84 45.45
C LEU D 74 -23.05 -23.53 46.14
N SER D 75 -23.07 -23.52 47.47
CA SER D 75 -24.20 -24.03 48.26
C SER D 75 -25.47 -23.19 48.05
N ASP D 76 -25.31 -21.88 47.91
CA ASP D 76 -26.45 -20.98 47.61
C ASP D 76 -27.10 -21.24 46.24
N TYR D 77 -26.34 -21.80 45.31
CA TYR D 77 -26.87 -22.25 44.00
C TYR D 77 -26.99 -23.79 43.93
N ASN D 78 -27.21 -24.43 45.09
CA ASN D 78 -27.44 -25.89 45.21
C ASN D 78 -26.62 -26.80 44.28
N ILE D 79 -25.32 -26.52 44.16
CA ILE D 79 -24.41 -27.38 43.40
C ILE D 79 -23.84 -28.48 44.32
N ARG D 80 -23.72 -29.69 43.77
CA ARG D 80 -23.25 -30.87 44.52
C ARG D 80 -22.01 -31.48 43.84
N TYR D 81 -21.42 -32.48 44.48
CA TYR D 81 -20.35 -33.30 43.89
C TYR D 81 -20.77 -33.80 42.49
N ASP D 82 -19.89 -33.62 41.51
CA ASP D 82 -20.15 -33.91 40.09
C ASP D 82 -21.35 -33.15 39.47
N SER D 83 -21.59 -31.92 39.93
CA SER D 83 -22.54 -31.01 39.27
C SER D 83 -21.94 -30.48 37.98
N GLN D 84 -22.51 -30.87 36.84
CA GLN D 84 -22.04 -30.43 35.53
C GLN D 84 -22.32 -28.93 35.34
N LEU D 85 -21.26 -28.16 35.13
CA LEU D 85 -21.36 -26.72 34.84
C LEU D 85 -21.04 -26.40 33.39
N HIS D 86 -21.32 -25.16 33.00
CA HIS D 86 -21.22 -24.72 31.62
C HIS D 86 -20.49 -23.39 31.50
N LEU D 87 -19.44 -23.39 30.67
CA LEU D 87 -18.57 -22.24 30.47
C LEU D 87 -18.69 -21.71 29.04
N VAL D 88 -19.07 -20.44 28.94
CA VAL D 88 -19.15 -19.75 27.66
C VAL D 88 -18.50 -18.37 27.79
N GLY D 89 -17.80 -17.93 26.74
CA GLY D 89 -17.04 -16.68 26.80
C GLY D 89 -17.89 -15.42 26.85
N ARG D 90 -17.46 -14.44 27.65
CA ARG D 90 -18.16 -13.16 27.77
C ARG D 90 -17.89 -12.32 26.52
N LEU D 91 -18.86 -11.48 26.16
CA LEU D 91 -18.75 -10.53 25.06
C LEU D 91 -19.56 -9.28 25.40
#